data_9CP8
#
_entry.id   9CP8
#
_cell.length_a   83.078
_cell.length_b   75.592
_cell.length_c   84.995
_cell.angle_alpha   90.000
_cell.angle_beta   117.279
_cell.angle_gamma   90.000
#
_symmetry.space_group_name_H-M   'P 1 21 1'
#
loop_
_entity.id
_entity.type
_entity.pdbx_description
1 polymer 'Sulfopropanediol 3-dehydrogenase'
2 non-polymer 'ZINC ION'
3 non-polymer '1,4-DIHYDRONICOTINAMIDE ADENINE DINUCLEOTIDE'
4 non-polymer '(2R)-3-SULFOLACTIC ACID'
5 water water
#
_entity_poly.entity_id   1
_entity_poly.type   'polypeptide(L)'
_entity_poly.pdbx_seq_one_letter_code
;GMISYLKKAEKTPQTETATAQKVVTEMLAEIQARGKDAVRQYAKQLDGWSGDIVLTPDQIREQTKDVPAGVRADIDFAIR
QVTDFALAQRESLKEFSVELHPGVTAGQRVLPVNVVGCYAPAGRYAHIASAYMGVATAKAAGVKTVVACSSPFRGQGIHP
HVLYAFQAAGADVIMALGGVQAIASMAYGLFTGKPADVVVGPGNKFVAEAKRSLYGQVGIDVFAGPSEVAVIADETADPA
IVASDLVGQAEHGHESPAWLFTTSRDLADRVMALVPELIAKLPPTARDAATAAWRDYGEVILCGTREEVVEISDRYASEH
LEVHTADLDWWLANLTCYGSLFLGEETTVAFGDKTSGPNHVLPTKGAARYSGGLSVHKFMKTLTWQQMTREATRQIGQVT
ARISRLEGMEAHARTADDRMAKYFPNASFEMGTPVEV
;
_entity_poly.pdbx_strand_id   A,B
#
loop_
_chem_comp.id
_chem_comp.type
_chem_comp.name
_chem_comp.formula
3SL non-polymer '(2R)-3-SULFOLACTIC ACID' 'C3 H6 O6 S'
NAI non-polymer '1,4-DIHYDRONICOTINAMIDE ADENINE DINUCLEOTIDE' 'C21 H29 N7 O14 P2'
ZN non-polymer 'ZINC ION' 'Zn 2'
#
# COMPACT_ATOMS: atom_id res chain seq x y z
N MET A 2 -13.35 -10.23 -31.93
CA MET A 2 -12.54 -9.10 -32.45
C MET A 2 -13.07 -7.76 -31.92
N ILE A 3 -12.12 -6.93 -31.51
CA ILE A 3 -12.37 -5.63 -30.90
C ILE A 3 -11.86 -4.57 -31.88
N SER A 4 -12.70 -3.60 -32.23
CA SER A 4 -12.35 -2.62 -33.23
C SER A 4 -12.06 -1.27 -32.58
N TYR A 5 -10.84 -0.77 -32.80
CA TYR A 5 -10.47 0.58 -32.44
C TYR A 5 -10.91 1.55 -33.53
N LEU A 6 -11.99 2.29 -33.22
CA LEU A 6 -12.46 3.35 -34.08
C LEU A 6 -11.59 4.59 -33.89
N LYS A 7 -10.97 4.73 -32.72
CA LYS A 7 -9.92 5.72 -32.54
C LYS A 7 -8.83 5.06 -31.70
N LYS A 8 -7.59 5.08 -32.21
CA LYS A 8 -6.46 4.52 -31.51
C LYS A 8 -5.54 5.66 -31.07
N ALA A 9 -4.97 5.53 -29.87
CA ALA A 9 -4.08 6.54 -29.35
C ALA A 9 -2.64 6.24 -29.75
N GLU A 10 -1.88 7.28 -30.12
CA GLU A 10 -0.43 7.17 -30.21
C GLU A 10 0.23 7.01 -28.83
N LYS A 11 -0.36 7.61 -27.78
CA LYS A 11 0.30 7.66 -26.48
C LYS A 11 -0.60 7.04 -25.42
N THR A 12 0.03 6.56 -24.32
CA THR A 12 -0.68 6.01 -23.18
C THR A 12 -0.06 6.56 -21.89
N PRO A 13 -0.70 6.34 -20.71
CA PRO A 13 -0.07 6.76 -19.44
C PRO A 13 1.36 6.27 -19.21
N GLN A 14 1.78 5.25 -19.97
CA GLN A 14 3.14 4.75 -19.92
C GLN A 14 4.13 5.63 -20.67
N THR A 15 3.66 6.40 -21.67
CA THR A 15 4.54 7.08 -22.61
C THR A 15 5.55 7.99 -21.88
N GLU A 16 5.10 8.77 -20.88
CA GLU A 16 5.94 9.79 -20.28
C GLU A 16 6.72 9.30 -19.04
N THR A 17 6.75 7.99 -18.79
CA THR A 17 7.40 7.48 -17.59
C THR A 17 8.86 7.95 -17.51
N ALA A 18 9.63 7.78 -18.58
CA ALA A 18 11.06 8.08 -18.55
C ALA A 18 11.34 9.55 -18.20
N THR A 19 10.56 10.45 -18.80
CA THR A 19 10.67 11.87 -18.51
C THR A 19 10.51 12.12 -17.01
N ALA A 20 9.45 11.56 -16.43
CA ALA A 20 9.14 11.85 -15.03
C ALA A 20 10.25 11.30 -14.13
N GLN A 21 10.73 10.09 -14.45
CA GLN A 21 11.68 9.42 -13.58
C GLN A 21 13.03 10.14 -13.55
N LYS A 22 13.44 10.72 -14.69
CA LYS A 22 14.73 11.42 -14.78
C LYS A 22 14.73 12.65 -13.88
N VAL A 23 13.67 13.46 -13.94
CA VAL A 23 13.56 14.65 -13.12
C VAL A 23 13.51 14.27 -11.63
N VAL A 24 12.66 13.30 -11.28
CA VAL A 24 12.46 12.97 -9.88
C VAL A 24 13.75 12.42 -9.27
N THR A 25 14.47 11.60 -10.03
CA THR A 25 15.74 11.04 -9.53
C THR A 25 16.69 12.18 -9.16
N GLU A 26 16.81 13.21 -10.04
CA GLU A 26 17.72 14.32 -9.80
C GLU A 26 17.26 15.14 -8.59
N MET A 27 15.96 15.46 -8.53
CA MET A 27 15.50 16.36 -7.49
C MET A 27 15.59 15.67 -6.12
N LEU A 28 15.25 14.38 -6.07
CA LEU A 28 15.25 13.69 -4.77
C LEU A 28 16.69 13.51 -4.27
N ALA A 29 17.64 13.34 -5.18
CA ALA A 29 19.05 13.32 -4.80
C ALA A 29 19.47 14.67 -4.22
N GLU A 30 19.11 15.79 -4.86
CA GLU A 30 19.48 17.11 -4.37
C GLU A 30 18.86 17.38 -3.01
N ILE A 31 17.58 16.97 -2.82
CA ILE A 31 16.92 17.28 -1.57
C ILE A 31 17.47 16.39 -0.45
N GLN A 32 17.77 15.14 -0.76
CA GLN A 32 18.39 14.27 0.23
C GLN A 32 19.71 14.88 0.69
N ALA A 33 20.52 15.33 -0.27
CA ALA A 33 21.84 15.89 0.04
C ALA A 33 21.76 17.26 0.74
N ARG A 34 20.85 18.15 0.30
CA ARG A 34 20.93 19.55 0.67
C ARG A 34 19.76 20.04 1.51
N GLY A 35 18.68 19.25 1.64
CA GLY A 35 17.61 19.62 2.57
C GLY A 35 16.83 20.87 2.13
N LYS A 36 16.51 21.72 3.11
CA LYS A 36 15.72 22.90 2.90
C LYS A 36 16.35 23.79 1.83
N ASP A 37 17.69 23.82 1.74
CA ASP A 37 18.33 24.68 0.76
C ASP A 37 17.89 24.29 -0.65
N ALA A 38 17.86 22.99 -0.92
CA ALA A 38 17.45 22.50 -2.23
C ALA A 38 15.97 22.80 -2.43
N VAL A 39 15.15 22.66 -1.38
CA VAL A 39 13.73 22.93 -1.55
C VAL A 39 13.46 24.41 -1.83
N ARG A 40 14.12 25.31 -1.09
CA ARG A 40 14.01 26.74 -1.34
C ARG A 40 14.44 27.07 -2.76
N GLN A 41 15.53 26.42 -3.22
CA GLN A 41 16.05 26.64 -4.56
C GLN A 41 14.98 26.25 -5.58
N TYR A 42 14.35 25.08 -5.38
CA TYR A 42 13.36 24.60 -6.34
C TYR A 42 12.10 25.46 -6.30
N ALA A 43 11.70 25.91 -5.12
CA ALA A 43 10.54 26.76 -4.96
C ALA A 43 10.74 28.05 -5.78
N LYS A 44 11.96 28.62 -5.70
CA LYS A 44 12.25 29.82 -6.46
C LYS A 44 12.36 29.52 -7.96
N GLN A 45 13.14 28.49 -8.31
CA GLN A 45 13.43 28.23 -9.72
C GLN A 45 12.24 27.69 -10.49
N LEU A 46 11.49 26.79 -9.86
CA LEU A 46 10.36 26.20 -10.55
C LEU A 46 9.09 27.04 -10.41
N ASP A 47 8.87 27.65 -9.24
CA ASP A 47 7.60 28.30 -8.94
C ASP A 47 7.71 29.81 -8.74
N GLY A 48 8.91 30.37 -8.88
CA GLY A 48 9.07 31.81 -8.73
C GLY A 48 8.93 32.31 -7.30
N TRP A 49 9.00 31.40 -6.32
CA TRP A 49 8.64 31.73 -4.94
C TRP A 49 9.87 32.01 -4.07
N SER A 50 9.87 33.20 -3.43
CA SER A 50 10.90 33.57 -2.47
C SER A 50 10.35 33.73 -1.06
N GLY A 51 9.02 33.69 -0.88
CA GLY A 51 8.42 33.87 0.43
C GLY A 51 8.73 32.75 1.44
N ASP A 52 8.28 32.98 2.68
CA ASP A 52 8.24 31.96 3.71
C ASP A 52 7.41 30.79 3.18
N ILE A 53 7.76 29.59 3.61
CA ILE A 53 7.11 28.39 3.10
C ILE A 53 5.97 27.98 4.03
N VAL A 54 6.21 27.93 5.34
CA VAL A 54 5.15 27.60 6.30
C VAL A 54 4.32 28.85 6.57
N LEU A 55 2.99 28.74 6.44
CA LEU A 55 2.09 29.85 6.72
C LEU A 55 1.80 29.92 8.22
N THR A 56 1.80 31.13 8.79
CA THR A 56 1.35 31.31 10.17
C THR A 56 -0.17 31.34 10.22
N PRO A 57 -0.79 31.06 11.39
CA PRO A 57 -2.23 31.25 11.54
C PRO A 57 -2.73 32.61 11.06
N ASP A 58 -1.96 33.68 11.31
CA ASP A 58 -2.38 35.01 10.89
C ASP A 58 -2.38 35.11 9.37
N GLN A 59 -1.34 34.59 8.69
CA GLN A 59 -1.30 34.58 7.23
C GLN A 59 -2.49 33.78 6.67
N ILE A 60 -2.83 32.65 7.30
CA ILE A 60 -3.97 31.85 6.82
C ILE A 60 -5.24 32.70 6.91
N ARG A 61 -5.45 33.41 8.03
CA ARG A 61 -6.62 34.27 8.18
C ARG A 61 -6.61 35.41 7.16
N GLU A 62 -5.48 36.09 7.07
CA GLU A 62 -5.36 37.24 6.18
C GLU A 62 -5.61 36.83 4.73
N GLN A 63 -5.09 35.66 4.32
CA GLN A 63 -5.16 35.27 2.92
C GLN A 63 -6.55 34.76 2.55
N THR A 64 -7.37 34.44 3.56
CA THR A 64 -8.71 33.92 3.29
C THR A 64 -9.80 34.92 3.69
N LYS A 65 -9.44 36.10 4.21
CA LYS A 65 -10.46 36.91 4.86
C LYS A 65 -11.50 37.41 3.87
N ASP A 66 -11.18 37.46 2.57
CA ASP A 66 -12.11 37.99 1.60
C ASP A 66 -12.86 36.88 0.85
N VAL A 67 -12.64 35.61 1.21
CA VAL A 67 -13.34 34.54 0.53
C VAL A 67 -14.82 34.67 0.89
N PRO A 68 -15.72 34.83 -0.12
CA PRO A 68 -17.13 35.11 0.11
C PRO A 68 -17.90 33.96 0.78
N ALA A 69 -19.00 34.32 1.44
CA ALA A 69 -19.80 33.34 2.18
C ALA A 69 -20.29 32.22 1.26
N GLY A 70 -20.69 32.54 0.04
CA GLY A 70 -21.23 31.54 -0.88
C GLY A 70 -20.19 30.49 -1.28
N VAL A 71 -18.95 30.94 -1.45
CA VAL A 71 -17.84 30.06 -1.80
C VAL A 71 -17.57 29.14 -0.61
N ARG A 72 -17.51 29.72 0.60
CA ARG A 72 -17.30 28.93 1.79
C ARG A 72 -18.42 27.91 1.97
N ALA A 73 -19.67 28.28 1.66
CA ALA A 73 -20.81 27.39 1.86
C ALA A 73 -20.69 26.18 0.92
N ASP A 74 -20.24 26.40 -0.30
CA ASP A 74 -20.12 25.32 -1.25
C ASP A 74 -19.02 24.35 -0.81
N ILE A 75 -17.87 24.92 -0.42
CA ILE A 75 -16.75 24.11 0.00
C ILE A 75 -17.14 23.34 1.26
N ASP A 76 -17.80 24.02 2.21
CA ASP A 76 -18.21 23.34 3.43
C ASP A 76 -19.16 22.18 3.14
N PHE A 77 -20.10 22.34 2.20
CA PHE A 77 -21.00 21.28 1.82
C PHE A 77 -20.22 20.10 1.28
N ALA A 78 -19.25 20.37 0.42
CA ALA A 78 -18.43 19.31 -0.17
C ALA A 78 -17.65 18.58 0.93
N ILE A 79 -17.04 19.33 1.84
CA ILE A 79 -16.31 18.71 2.95
C ILE A 79 -17.23 17.77 3.73
N ARG A 80 -18.48 18.17 3.97
CA ARG A 80 -19.43 17.35 4.70
C ARG A 80 -19.72 16.04 3.96
N GLN A 81 -19.83 16.10 2.62
CA GLN A 81 -20.12 14.91 1.87
C GLN A 81 -18.94 13.93 1.93
N VAL A 82 -17.72 14.45 1.74
CA VAL A 82 -16.52 13.65 1.82
C VAL A 82 -16.40 13.03 3.22
N THR A 83 -16.64 13.84 4.27
CA THR A 83 -16.56 13.34 5.63
C THR A 83 -17.61 12.25 5.90
N ASP A 84 -18.83 12.48 5.46
CA ASP A 84 -19.91 11.51 5.67
C ASP A 84 -19.54 10.15 5.06
N PHE A 85 -19.04 10.16 3.83
CA PHE A 85 -18.68 8.90 3.20
C PHE A 85 -17.46 8.28 3.87
N ALA A 86 -16.48 9.11 4.27
CA ALA A 86 -15.27 8.63 4.91
C ALA A 86 -15.61 7.95 6.22
N LEU A 87 -16.55 8.50 6.99
CA LEU A 87 -16.94 7.88 8.25
C LEU A 87 -17.61 6.53 8.01
N ALA A 88 -18.40 6.43 6.94
CA ALA A 88 -19.00 5.16 6.57
C ALA A 88 -17.92 4.14 6.22
N GLN A 89 -16.89 4.56 5.46
CA GLN A 89 -15.79 3.67 5.15
C GLN A 89 -15.07 3.24 6.41
N ARG A 90 -14.89 4.15 7.35
CA ARG A 90 -14.17 3.79 8.56
C ARG A 90 -14.90 2.67 9.30
N GLU A 91 -16.23 2.71 9.30
CA GLU A 91 -17.03 1.68 9.97
C GLU A 91 -16.90 0.30 9.32
N SER A 92 -16.43 0.23 8.08
CA SER A 92 -16.41 -1.01 7.33
C SER A 92 -15.21 -1.91 7.65
N LEU A 93 -14.24 -1.40 8.42
CA LEU A 93 -13.05 -2.15 8.81
C LEU A 93 -13.08 -2.28 10.34
N LYS A 94 -13.23 -3.52 10.81
CA LYS A 94 -13.40 -3.82 12.21
C LYS A 94 -12.15 -4.41 12.87
N GLU A 95 -12.02 -4.12 14.15
CA GLU A 95 -11.12 -4.88 15.02
C GLU A 95 -11.82 -6.15 15.47
N PHE A 96 -11.03 -7.19 15.79
CA PHE A 96 -11.60 -8.43 16.29
C PHE A 96 -10.52 -9.26 16.99
N SER A 97 -10.94 -10.28 17.73
CA SER A 97 -10.04 -11.34 18.13
C SER A 97 -10.76 -12.67 17.95
N VAL A 98 -9.97 -13.73 17.83
CA VAL A 98 -10.48 -15.08 17.60
C VAL A 98 -9.60 -16.08 18.33
N GLU A 99 -10.16 -17.25 18.68
CA GLU A 99 -9.37 -18.38 19.12
C GLU A 99 -9.01 -19.22 17.90
N LEU A 100 -7.73 -19.59 17.79
CA LEU A 100 -7.25 -20.44 16.72
C LEU A 100 -7.07 -21.84 17.29
N HIS A 101 -5.85 -22.37 17.37
CA HIS A 101 -5.63 -23.58 18.16
C HIS A 101 -6.07 -23.24 19.59
N PRO A 102 -6.68 -24.17 20.36
CA PRO A 102 -7.14 -23.80 21.70
C PRO A 102 -6.03 -23.16 22.53
N GLY A 103 -6.40 -22.05 23.17
CA GLY A 103 -5.47 -21.29 23.98
C GLY A 103 -4.67 -20.25 23.19
N VAL A 104 -4.80 -20.24 21.86
CA VAL A 104 -4.19 -19.19 21.03
C VAL A 104 -5.25 -18.14 20.73
N THR A 105 -5.10 -16.94 21.30
CA THR A 105 -5.93 -15.80 20.97
C THR A 105 -5.16 -14.90 20.01
N ALA A 106 -5.77 -14.56 18.88
CA ALA A 106 -5.13 -13.69 17.91
C ALA A 106 -6.13 -12.63 17.46
N GLY A 107 -5.63 -11.43 17.22
CA GLY A 107 -6.53 -10.34 16.93
C GLY A 107 -5.91 -9.31 15.99
N GLN A 108 -6.79 -8.41 15.59
CA GLN A 108 -6.45 -7.34 14.67
C GLN A 108 -6.80 -6.01 15.34
N ARG A 109 -5.79 -5.14 15.40
CA ARG A 109 -5.94 -3.78 15.87
C ARG A 109 -5.89 -2.87 14.65
N VAL A 110 -6.72 -1.83 14.67
CA VAL A 110 -6.84 -0.89 13.56
C VAL A 110 -6.56 0.50 14.12
N LEU A 111 -5.37 1.01 13.77
CA LEU A 111 -4.80 2.20 14.39
C LEU A 111 -4.43 3.24 13.32
N PRO A 112 -4.80 4.52 13.53
CA PRO A 112 -4.44 5.58 12.59
C PRO A 112 -2.95 5.88 12.69
N VAL A 113 -2.38 6.26 11.55
CA VAL A 113 -1.02 6.75 11.53
C VAL A 113 -0.95 8.09 12.26
N ASN A 114 0.28 8.50 12.60
CA ASN A 114 0.48 9.69 13.42
C ASN A 114 0.46 10.98 12.59
N VAL A 115 1.19 10.99 11.47
CA VAL A 115 1.34 12.21 10.68
C VAL A 115 1.02 11.89 9.22
N VAL A 116 0.18 12.74 8.61
CA VAL A 116 -0.11 12.63 7.19
C VAL A 116 0.29 13.93 6.50
N GLY A 117 0.93 13.82 5.34
CA GLY A 117 1.14 14.93 4.45
C GLY A 117 0.20 14.82 3.26
N CYS A 118 -0.51 15.91 2.99
CA CYS A 118 -1.47 16.01 1.90
C CYS A 118 -1.01 17.02 0.86
N TYR A 119 -1.04 16.62 -0.41
CA TYR A 119 -0.75 17.54 -1.50
C TYR A 119 -2.03 17.84 -2.25
N ALA A 120 -2.24 19.13 -2.55
CA ALA A 120 -3.30 19.55 -3.44
C ALA A 120 -2.65 20.29 -4.61
N PRO A 121 -2.80 19.79 -5.84
CA PRO A 121 -2.12 20.41 -6.96
C PRO A 121 -2.62 21.80 -7.31
N ALA A 122 -1.74 22.55 -7.95
CA ALA A 122 -2.08 23.85 -8.51
C ALA A 122 -1.07 24.13 -9.61
N GLY A 123 -1.54 24.22 -10.85
CA GLY A 123 -0.65 24.38 -11.99
C GLY A 123 -1.45 24.90 -13.16
N ARG A 124 -1.99 23.97 -13.93
CA ARG A 124 -2.95 24.37 -14.96
C ARG A 124 -4.18 24.99 -14.30
N TYR A 125 -4.73 24.27 -13.31
CA TYR A 125 -5.89 24.72 -12.52
C TYR A 125 -5.49 24.75 -11.05
N ALA A 126 -6.36 25.29 -10.20
CA ALA A 126 -6.16 25.29 -8.76
C ALA A 126 -7.11 24.25 -8.17
N HIS A 127 -6.59 23.24 -7.46
CA HIS A 127 -7.38 22.07 -7.09
C HIS A 127 -7.96 22.24 -5.69
N ILE A 128 -9.03 23.01 -5.63
CA ILE A 128 -9.77 23.28 -4.41
C ILE A 128 -10.29 21.97 -3.83
N ALA A 129 -10.93 21.15 -4.66
CA ALA A 129 -11.50 19.90 -4.19
C ALA A 129 -10.39 18.97 -3.70
N SER A 130 -9.26 18.86 -4.42
CA SER A 130 -8.19 18.03 -3.93
C SER A 130 -7.76 18.42 -2.52
N ALA A 131 -7.81 19.71 -2.21
CA ALA A 131 -7.41 20.20 -0.89
C ALA A 131 -8.24 19.57 0.24
N TYR A 132 -9.55 19.42 0.08
CA TYR A 132 -10.32 18.78 1.13
C TYR A 132 -10.37 17.25 0.99
N MET A 133 -10.15 16.70 -0.21
CA MET A 133 -10.14 15.26 -0.37
C MET A 133 -9.13 14.58 0.55
N GLY A 134 -7.91 15.14 0.62
CA GLY A 134 -6.88 14.60 1.50
C GLY A 134 -7.14 14.93 2.96
N VAL A 135 -7.19 16.22 3.27
CA VAL A 135 -7.25 16.65 4.67
C VAL A 135 -8.49 16.13 5.38
N ALA A 136 -9.66 16.29 4.78
CA ALA A 136 -10.89 15.87 5.44
C ALA A 136 -10.88 14.36 5.69
N THR A 137 -10.28 13.58 4.78
CA THR A 137 -10.23 12.13 4.96
C THR A 137 -9.26 11.77 6.10
N ALA A 138 -8.11 12.42 6.18
CA ALA A 138 -7.17 12.19 7.27
C ALA A 138 -7.82 12.50 8.61
N LYS A 139 -8.57 13.59 8.69
CA LYS A 139 -9.26 13.94 9.93
C LYS A 139 -10.33 12.92 10.26
N ALA A 140 -11.06 12.43 9.24
CA ALA A 140 -12.09 11.42 9.47
C ALA A 140 -11.48 10.14 10.03
N ALA A 141 -10.21 9.87 9.71
CA ALA A 141 -9.49 8.68 10.11
C ALA A 141 -8.92 8.84 11.53
N GLY A 142 -8.98 10.06 12.05
CA GLY A 142 -8.47 10.36 13.38
C GLY A 142 -6.96 10.56 13.42
N VAL A 143 -6.37 11.01 12.32
CA VAL A 143 -4.96 11.35 12.32
C VAL A 143 -4.76 12.67 13.05
N LYS A 144 -3.81 12.67 13.98
CA LYS A 144 -3.67 13.81 14.87
C LYS A 144 -2.86 14.96 14.25
N THR A 145 -1.95 14.69 13.31
CA THR A 145 -1.20 15.76 12.67
C THR A 145 -1.34 15.67 11.16
N VAL A 146 -1.90 16.73 10.55
CA VAL A 146 -2.05 16.81 9.10
C VAL A 146 -1.32 18.03 8.57
N VAL A 147 -0.32 17.76 7.72
CA VAL A 147 0.47 18.75 7.03
C VAL A 147 -0.06 18.81 5.60
N ALA A 148 -0.25 20.02 5.06
CA ALA A 148 -0.84 20.22 3.74
C ALA A 148 0.00 21.19 2.92
N CYS A 149 0.31 20.82 1.67
CA CYS A 149 1.01 21.66 0.72
C CYS A 149 0.18 21.87 -0.54
N SER A 150 0.22 23.09 -1.08
CA SER A 150 -0.21 23.35 -2.44
C SER A 150 0.77 24.33 -3.07
N SER A 151 0.96 24.21 -4.37
CA SER A 151 1.91 25.05 -5.10
C SER A 151 1.48 26.51 -5.09
N PRO A 152 2.45 27.44 -4.97
CA PRO A 152 2.19 28.83 -5.30
C PRO A 152 1.51 28.84 -6.67
N PHE A 153 0.52 29.70 -6.86
CA PHE A 153 -0.31 29.65 -8.07
C PHE A 153 -0.44 31.07 -8.64
N ARG A 154 -0.12 31.20 -9.93
CA ARG A 154 -0.35 32.43 -10.69
C ARG A 154 0.22 33.67 -9.99
N GLY A 155 1.48 33.59 -9.58
CA GLY A 155 2.20 34.76 -9.08
C GLY A 155 1.84 35.14 -7.65
N GLN A 156 0.92 34.41 -7.01
CA GLN A 156 0.61 34.63 -5.61
C GLN A 156 1.02 33.35 -4.87
N GLY A 157 0.62 33.26 -3.62
CA GLY A 157 0.89 32.03 -2.87
C GLY A 157 -0.18 30.99 -3.19
N ILE A 158 -0.56 30.26 -2.16
CA ILE A 158 -1.59 29.25 -2.33
C ILE A 158 -2.86 29.94 -2.81
N HIS A 159 -3.55 29.30 -3.75
CA HIS A 159 -4.81 29.84 -4.18
C HIS A 159 -5.70 30.03 -2.96
N PRO A 160 -6.37 31.18 -2.75
CA PRO A 160 -7.12 31.40 -1.51
C PRO A 160 -8.24 30.40 -1.21
N HIS A 161 -8.85 29.83 -2.26
CA HIS A 161 -9.94 28.87 -2.05
C HIS A 161 -9.36 27.51 -1.72
N VAL A 162 -8.19 27.19 -2.27
CA VAL A 162 -7.45 26.01 -1.84
C VAL A 162 -7.11 26.13 -0.36
N LEU A 163 -6.65 27.32 0.04
CA LEU A 163 -6.24 27.55 1.41
C LEU A 163 -7.44 27.45 2.34
N TYR A 164 -8.58 28.04 1.94
CA TYR A 164 -9.80 27.94 2.74
C TYR A 164 -10.19 26.46 2.92
N ALA A 165 -10.11 25.68 1.83
CA ALA A 165 -10.41 24.26 1.91
C ALA A 165 -9.49 23.53 2.89
N PHE A 166 -8.18 23.75 2.80
CA PHE A 166 -7.26 23.13 3.75
C PHE A 166 -7.65 23.47 5.20
N GLN A 167 -7.88 24.75 5.47
CA GLN A 167 -8.17 25.24 6.82
C GLN A 167 -9.48 24.66 7.33
N ALA A 168 -10.51 24.72 6.49
CA ALA A 168 -11.85 24.29 6.88
C ALA A 168 -11.87 22.78 7.10
N ALA A 169 -11.07 22.03 6.33
CA ALA A 169 -11.05 20.58 6.44
C ALA A 169 -10.23 20.12 7.64
N GLY A 170 -9.40 21.00 8.23
CA GLY A 170 -8.74 20.70 9.49
C GLY A 170 -7.21 20.54 9.44
N ALA A 171 -6.51 21.09 8.43
CA ALA A 171 -5.06 21.00 8.35
C ALA A 171 -4.44 21.66 9.57
N ASP A 172 -3.39 21.04 10.09
CA ASP A 172 -2.66 21.56 11.25
C ASP A 172 -1.54 22.51 10.82
N VAL A 173 -0.90 22.18 9.70
CA VAL A 173 0.19 22.98 9.17
C VAL A 173 -0.06 23.12 7.67
N ILE A 174 0.12 24.33 7.15
CA ILE A 174 -0.08 24.56 5.72
C ILE A 174 1.19 25.21 5.18
N MET A 175 1.70 24.68 4.06
CA MET A 175 2.88 25.17 3.38
C MET A 175 2.56 25.57 1.93
N ALA A 176 3.09 26.73 1.52
CA ALA A 176 3.06 27.17 0.14
C ALA A 176 4.24 26.54 -0.58
N LEU A 177 3.98 25.39 -1.21
CA LEU A 177 5.06 24.55 -1.66
C LEU A 177 4.49 23.57 -2.67
N GLY A 178 5.12 23.51 -3.85
CA GLY A 178 4.60 22.71 -4.95
C GLY A 178 5.44 21.48 -5.30
N GLY A 179 4.82 20.58 -6.06
CA GLY A 179 5.52 19.58 -6.85
C GLY A 179 6.36 18.58 -6.05
N VAL A 180 7.45 18.14 -6.66
CA VAL A 180 8.33 17.13 -6.10
C VAL A 180 8.88 17.63 -4.76
N GLN A 181 9.27 18.93 -4.71
CA GLN A 181 9.82 19.48 -3.49
C GLN A 181 8.82 19.45 -2.34
N ALA A 182 7.53 19.62 -2.62
CA ALA A 182 6.49 19.49 -1.61
C ALA A 182 6.39 18.05 -1.08
N ILE A 183 6.35 17.09 -2.00
CA ILE A 183 6.23 15.69 -1.60
C ILE A 183 7.42 15.32 -0.74
N ALA A 184 8.62 15.66 -1.21
CA ALA A 184 9.84 15.33 -0.48
C ALA A 184 9.86 16.03 0.88
N SER A 185 9.47 17.31 0.95
CA SER A 185 9.49 18.03 2.21
C SER A 185 8.58 17.34 3.22
N MET A 186 7.41 16.86 2.74
CA MET A 186 6.48 16.21 3.63
C MET A 186 7.02 14.86 4.10
N ALA A 187 7.63 14.09 3.19
CA ALA A 187 8.24 12.80 3.52
C ALA A 187 9.33 12.96 4.56
N TYR A 188 10.16 14.00 4.45
CA TYR A 188 11.33 14.15 5.32
C TYR A 188 11.08 15.06 6.51
N GLY A 189 9.92 15.70 6.60
CA GLY A 189 9.60 16.60 7.69
C GLY A 189 10.39 17.92 7.62
N LEU A 190 10.81 18.32 6.41
CA LEU A 190 11.49 19.60 6.25
C LEU A 190 10.52 20.73 6.58
N PHE A 191 11.07 21.77 7.25
CA PHE A 191 10.34 22.98 7.64
C PHE A 191 9.43 22.78 8.87
N THR A 192 8.97 21.55 9.16
CA THR A 192 8.04 21.31 10.26
C THR A 192 8.70 20.52 11.39
N GLY A 193 9.71 19.71 11.05
CA GLY A 193 10.28 18.72 11.94
C GLY A 193 9.29 17.60 12.23
N LYS A 194 8.31 17.40 11.33
CA LYS A 194 7.31 16.35 11.53
C LYS A 194 7.23 15.46 10.30
N PRO A 195 8.16 14.48 10.12
CA PRO A 195 8.14 13.63 8.94
C PRO A 195 6.80 12.90 8.88
N ALA A 196 6.25 12.82 7.68
CA ALA A 196 4.98 12.14 7.51
C ALA A 196 5.17 10.63 7.63
N ASP A 197 4.14 9.97 8.13
CA ASP A 197 4.03 8.52 8.05
C ASP A 197 3.45 8.08 6.70
N VAL A 198 2.52 8.88 6.19
CA VAL A 198 1.85 8.62 4.91
C VAL A 198 1.77 9.97 4.18
N VAL A 199 2.08 9.94 2.88
CA VAL A 199 1.91 11.10 2.02
C VAL A 199 0.87 10.75 0.95
N VAL A 200 -0.06 11.66 0.73
CA VAL A 200 -1.20 11.41 -0.13
C VAL A 200 -1.41 12.58 -1.06
N GLY A 201 -2.22 12.31 -2.07
CA GLY A 201 -2.75 13.36 -2.90
C GLY A 201 -2.33 13.22 -4.36
N PRO A 202 -3.04 13.92 -5.26
CA PRO A 202 -2.81 13.77 -6.70
C PRO A 202 -1.84 14.81 -7.24
N GLY A 203 -1.35 14.57 -8.45
CA GLY A 203 -0.58 15.59 -9.13
C GLY A 203 -0.18 15.16 -10.52
N ASN A 204 0.73 15.95 -11.10
CA ASN A 204 1.25 15.64 -12.42
C ASN A 204 2.20 14.45 -12.33
N LYS A 205 2.77 14.06 -13.48
CA LYS A 205 3.59 12.87 -13.55
C LYS A 205 4.79 12.96 -12.60
N PHE A 206 5.30 14.18 -12.35
CA PHE A 206 6.46 14.35 -11.48
C PHE A 206 6.06 14.13 -10.02
N VAL A 207 4.93 14.72 -9.61
CA VAL A 207 4.38 14.55 -8.27
C VAL A 207 4.13 13.06 -8.02
N ALA A 208 3.47 12.40 -8.97
CA ALA A 208 3.07 11.01 -8.78
C ALA A 208 4.30 10.11 -8.67
N GLU A 209 5.30 10.36 -9.54
CA GLU A 209 6.54 9.60 -9.52
C GLU A 209 7.33 9.85 -8.24
N ALA A 210 7.29 11.09 -7.71
CA ALA A 210 7.98 11.41 -6.46
C ALA A 210 7.39 10.58 -5.31
N LYS A 211 6.06 10.54 -5.24
CA LYS A 211 5.41 9.71 -4.23
C LYS A 211 5.78 8.24 -4.39
N ARG A 212 5.72 7.74 -5.63
CA ARG A 212 5.98 6.33 -5.92
C ARG A 212 7.41 6.00 -5.47
N SER A 213 8.33 6.92 -5.72
CA SER A 213 9.76 6.73 -5.44
C SER A 213 10.06 6.77 -3.95
N LEU A 214 9.30 7.58 -3.21
CA LEU A 214 9.53 7.79 -1.78
C LEU A 214 8.81 6.73 -0.95
N TYR A 215 7.98 5.92 -1.59
CA TYR A 215 7.35 4.80 -0.92
C TYR A 215 8.43 3.97 -0.25
N GLY A 216 8.21 3.64 1.03
CA GLY A 216 9.21 2.98 1.83
C GLY A 216 9.65 3.88 2.97
N GLN A 217 10.19 5.06 2.64
CA GLN A 217 10.37 6.16 3.58
C GLN A 217 9.03 6.49 4.21
N VAL A 218 7.98 6.50 3.37
CA VAL A 218 6.64 6.81 3.81
C VAL A 218 5.73 5.78 3.17
N GLY A 219 4.52 5.66 3.73
CA GLY A 219 3.44 5.02 3.03
C GLY A 219 2.78 6.02 2.11
N ILE A 220 1.99 5.50 1.17
CA ILE A 220 1.23 6.38 0.28
C ILE A 220 -0.20 5.85 0.17
N ASP A 221 -1.05 6.69 -0.42
CA ASP A 221 -2.39 6.27 -0.82
C ASP A 221 -2.29 5.37 -2.04
N VAL A 222 -1.92 5.97 -3.18
CA VAL A 222 -1.93 5.30 -4.45
C VAL A 222 -1.24 6.19 -5.47
N PHE A 223 -0.81 5.59 -6.58
CA PHE A 223 -0.27 6.33 -7.69
C PHE A 223 -1.40 7.10 -8.39
N ALA A 224 -1.40 8.42 -8.22
CA ALA A 224 -2.50 9.28 -8.60
C ALA A 224 -1.96 10.39 -9.50
N GLY A 225 -1.82 10.07 -10.78
CA GLY A 225 -1.23 10.98 -11.72
C GLY A 225 -2.28 11.52 -12.69
N PRO A 226 -1.88 12.00 -13.88
CA PRO A 226 -2.82 12.61 -14.81
C PRO A 226 -4.18 11.91 -14.96
N SER A 227 -5.25 12.72 -14.90
CA SER A 227 -6.59 12.20 -14.78
C SER A 227 -6.98 11.37 -16.00
N GLU A 228 -7.79 10.35 -15.75
CA GLU A 228 -8.28 9.45 -16.78
C GLU A 228 -9.79 9.33 -16.67
N VAL A 229 -10.46 9.12 -17.81
CA VAL A 229 -11.90 8.90 -17.80
C VAL A 229 -12.23 7.83 -18.82
N ALA A 230 -13.06 6.87 -18.42
CA ALA A 230 -13.62 5.87 -19.34
C ALA A 230 -15.12 5.89 -19.20
N VAL A 231 -15.80 5.75 -20.34
CA VAL A 231 -17.23 5.57 -20.35
C VAL A 231 -17.56 4.28 -21.06
N ILE A 232 -18.41 3.49 -20.41
CA ILE A 232 -19.06 2.33 -21.00
C ILE A 232 -20.44 2.78 -21.43
N ALA A 233 -20.81 2.53 -22.70
CA ALA A 233 -22.10 2.96 -23.20
C ALA A 233 -22.70 1.87 -24.08
N ASP A 234 -24.02 1.70 -23.97
CA ASP A 234 -24.80 0.93 -24.94
C ASP A 234 -25.66 1.88 -25.75
N GLU A 235 -26.61 1.32 -26.52
CA GLU A 235 -27.41 2.12 -27.43
C GLU A 235 -28.36 3.05 -26.68
N THR A 236 -28.55 2.86 -25.38
CA THR A 236 -29.45 3.70 -24.58
C THR A 236 -28.75 5.03 -24.21
N ALA A 237 -27.44 5.12 -24.40
CA ALA A 237 -26.71 6.31 -23.97
C ALA A 237 -26.98 7.52 -24.86
N ASP A 238 -26.73 8.71 -24.30
CA ASP A 238 -26.89 9.96 -25.01
C ASP A 238 -25.52 10.44 -25.46
N PRO A 239 -25.22 10.44 -26.77
CA PRO A 239 -23.89 10.82 -27.21
C PRO A 239 -23.46 12.22 -26.77
N ALA A 240 -24.40 13.17 -26.63
CA ALA A 240 -24.05 14.52 -26.25
C ALA A 240 -23.48 14.53 -24.83
N ILE A 241 -24.07 13.71 -23.97
CA ILE A 241 -23.63 13.61 -22.57
C ILE A 241 -22.33 12.81 -22.49
N VAL A 242 -22.25 11.70 -23.23
CA VAL A 242 -21.02 10.93 -23.26
C VAL A 242 -19.87 11.82 -23.72
N ALA A 243 -20.04 12.55 -24.84
CA ALA A 243 -18.98 13.41 -25.33
C ALA A 243 -18.58 14.46 -24.28
N SER A 244 -19.58 15.08 -23.65
CA SER A 244 -19.32 16.14 -22.68
C SER A 244 -18.48 15.57 -21.53
N ASP A 245 -18.80 14.36 -21.09
CA ASP A 245 -18.11 13.73 -19.98
C ASP A 245 -16.66 13.41 -20.34
N LEU A 246 -16.42 12.93 -21.57
CA LEU A 246 -15.04 12.68 -21.96
C LEU A 246 -14.23 13.96 -21.99
N VAL A 247 -14.77 15.01 -22.63
CA VAL A 247 -14.11 16.29 -22.68
C VAL A 247 -13.90 16.90 -21.30
N GLY A 248 -14.83 16.63 -20.38
CA GLY A 248 -14.71 17.14 -19.01
C GLY A 248 -13.36 16.81 -18.38
N GLN A 249 -12.89 15.58 -18.53
CA GLN A 249 -11.61 15.21 -17.94
C GLN A 249 -10.41 15.42 -18.86
N ALA A 250 -10.66 15.45 -20.18
CA ALA A 250 -9.57 15.73 -21.12
C ALA A 250 -8.97 17.13 -20.92
N GLU A 251 -9.73 18.07 -20.36
CA GLU A 251 -9.20 19.39 -20.08
C GLU A 251 -8.14 19.35 -18.97
N HIS A 252 -7.98 18.25 -18.23
CA HIS A 252 -7.00 18.24 -17.15
C HIS A 252 -5.57 18.48 -17.62
N GLY A 253 -5.25 18.08 -18.85
CA GLY A 253 -3.89 18.20 -19.33
C GLY A 253 -3.66 17.40 -20.61
N HIS A 254 -2.49 17.63 -21.20
CA HIS A 254 -2.14 17.00 -22.46
C HIS A 254 -2.06 15.48 -22.37
N GLU A 255 -1.84 14.94 -21.16
CA GLU A 255 -1.62 13.52 -20.95
C GLU A 255 -2.84 12.81 -20.36
N SER A 256 -4.02 13.44 -20.37
CA SER A 256 -5.21 12.81 -19.79
C SER A 256 -5.96 11.96 -20.82
N PRO A 257 -6.01 10.62 -20.64
CA PRO A 257 -6.75 9.78 -21.58
C PRO A 257 -8.24 9.76 -21.33
N ALA A 258 -8.99 9.77 -22.43
CA ALA A 258 -10.43 9.67 -22.44
C ALA A 258 -10.80 8.49 -23.34
N TRP A 259 -11.47 7.50 -22.76
CA TRP A 259 -11.71 6.20 -23.38
C TRP A 259 -13.19 5.94 -23.46
N LEU A 260 -13.68 5.53 -24.63
CA LEU A 260 -15.06 5.08 -24.79
C LEU A 260 -15.05 3.61 -25.16
N PHE A 261 -15.76 2.79 -24.38
CA PHE A 261 -15.98 1.38 -24.67
C PHE A 261 -17.47 1.23 -24.94
N THR A 262 -17.87 0.72 -26.12
CA THR A 262 -19.28 0.66 -26.44
C THR A 262 -19.61 -0.54 -27.32
N THR A 263 -20.87 -1.00 -27.18
CA THR A 263 -21.47 -2.00 -28.06
C THR A 263 -22.26 -1.34 -29.20
N SER A 264 -22.36 -0.01 -29.21
CA SER A 264 -23.17 0.71 -30.21
C SER A 264 -22.29 1.49 -31.18
N ARG A 265 -22.31 1.09 -32.46
CA ARG A 265 -21.50 1.77 -33.46
C ARG A 265 -22.01 3.19 -33.68
N ASP A 266 -23.34 3.36 -33.67
CA ASP A 266 -23.94 4.68 -33.89
C ASP A 266 -23.50 5.62 -32.77
N LEU A 267 -23.47 5.12 -31.53
CA LEU A 267 -23.03 5.96 -30.42
C LEU A 267 -21.58 6.38 -30.61
N ALA A 268 -20.72 5.41 -30.93
CA ALA A 268 -19.31 5.70 -31.15
C ALA A 268 -19.17 6.79 -32.19
N ASP A 269 -19.88 6.63 -33.31
CA ASP A 269 -19.73 7.52 -34.44
C ASP A 269 -20.11 8.95 -34.04
N ARG A 270 -21.22 9.09 -33.31
CA ARG A 270 -21.72 10.40 -32.93
C ARG A 270 -20.78 11.05 -31.91
N VAL A 271 -20.30 10.27 -30.95
CA VAL A 271 -19.35 10.82 -29.98
C VAL A 271 -18.08 11.30 -30.67
N MET A 272 -17.57 10.56 -31.67
CA MET A 272 -16.32 10.93 -32.31
C MET A 272 -16.48 12.22 -33.10
N ALA A 273 -17.69 12.44 -33.63
CA ALA A 273 -18.01 13.70 -34.31
C ALA A 273 -18.09 14.85 -33.31
N LEU A 274 -18.71 14.61 -32.13
CA LEU A 274 -19.06 15.67 -31.20
C LEU A 274 -17.85 16.12 -30.36
N VAL A 275 -16.99 15.20 -29.97
CA VAL A 275 -15.89 15.55 -29.07
C VAL A 275 -15.07 16.72 -29.62
N PRO A 276 -14.57 16.69 -30.89
CA PRO A 276 -13.84 17.84 -31.41
C PRO A 276 -14.60 19.15 -31.38
N GLU A 277 -15.90 19.10 -31.65
CA GLU A 277 -16.75 20.27 -31.66
C GLU A 277 -16.85 20.87 -30.26
N LEU A 278 -16.96 20.00 -29.24
CA LEU A 278 -17.03 20.51 -27.88
C LEU A 278 -15.68 21.10 -27.46
N ILE A 279 -14.60 20.46 -27.86
CA ILE A 279 -13.27 20.96 -27.51
C ILE A 279 -13.05 22.34 -28.12
N ALA A 280 -13.47 22.50 -29.38
CA ALA A 280 -13.27 23.76 -30.08
C ALA A 280 -13.98 24.92 -29.39
N LYS A 281 -15.03 24.62 -28.61
CA LYS A 281 -15.79 25.64 -27.91
C LYS A 281 -15.26 25.93 -26.50
N LEU A 282 -14.14 25.31 -26.10
CA LEU A 282 -13.59 25.53 -24.78
C LEU A 282 -12.74 26.80 -24.76
N PRO A 283 -12.60 27.43 -23.58
CA PRO A 283 -11.69 28.55 -23.42
C PRO A 283 -10.25 28.07 -23.55
N PRO A 284 -9.26 28.97 -23.67
CA PRO A 284 -7.94 28.56 -24.14
C PRO A 284 -7.15 27.51 -23.37
N THR A 285 -7.11 27.60 -22.05
CA THR A 285 -6.32 26.65 -21.27
C THR A 285 -6.87 25.24 -21.47
N ALA A 286 -8.19 25.13 -21.38
CA ALA A 286 -8.87 23.85 -21.53
C ALA A 286 -8.71 23.33 -22.97
N ARG A 287 -8.87 24.25 -23.94
CA ARG A 287 -8.78 23.85 -25.35
C ARG A 287 -7.38 23.35 -25.64
N ASP A 288 -6.37 24.02 -25.08
CA ASP A 288 -4.98 23.60 -25.22
C ASP A 288 -4.78 22.18 -24.68
N ALA A 289 -5.26 21.93 -23.46
CA ALA A 289 -5.11 20.60 -22.87
C ALA A 289 -5.88 19.56 -23.67
N ALA A 290 -7.17 19.79 -23.93
CA ALA A 290 -8.08 18.77 -24.41
C ALA A 290 -7.79 18.44 -25.88
N THR A 291 -7.35 19.43 -26.66
CA THR A 291 -7.01 19.15 -28.04
C THR A 291 -5.91 18.09 -28.10
N ALA A 292 -4.81 18.32 -27.36
CA ALA A 292 -3.68 17.40 -27.33
C ALA A 292 -4.06 16.06 -26.71
N ALA A 293 -4.81 16.12 -25.59
CA ALA A 293 -5.18 14.91 -24.88
C ALA A 293 -6.03 14.00 -25.76
N TRP A 294 -7.04 14.56 -26.40
CA TRP A 294 -7.93 13.74 -27.20
C TRP A 294 -7.16 13.16 -28.39
N ARG A 295 -6.37 14.02 -29.06
CA ARG A 295 -5.60 13.59 -30.23
C ARG A 295 -4.68 12.43 -29.87
N ASP A 296 -3.86 12.63 -28.83
CA ASP A 296 -2.75 11.75 -28.52
C ASP A 296 -3.14 10.55 -27.67
N TYR A 297 -4.14 10.72 -26.76
CA TYR A 297 -4.44 9.70 -25.77
C TYR A 297 -5.88 9.19 -25.86
N GLY A 298 -6.75 9.82 -26.65
CA GLY A 298 -8.16 9.43 -26.72
C GLY A 298 -8.37 8.15 -27.54
N GLU A 299 -9.27 7.29 -27.07
CA GLU A 299 -9.53 6.02 -27.73
C GLU A 299 -11.02 5.71 -27.69
N VAL A 300 -11.48 5.08 -28.79
CA VAL A 300 -12.87 4.70 -28.95
C VAL A 300 -12.86 3.26 -29.44
N ILE A 301 -13.48 2.37 -28.66
CA ILE A 301 -13.36 0.95 -28.87
C ILE A 301 -14.77 0.35 -28.99
N LEU A 302 -15.01 -0.32 -30.13
CA LEU A 302 -16.27 -1.00 -30.37
C LEU A 302 -16.16 -2.50 -30.12
N CYS A 303 -17.13 -3.00 -29.34
CA CYS A 303 -17.18 -4.37 -28.84
C CYS A 303 -18.50 -5.01 -29.25
N GLY A 304 -18.47 -6.35 -29.42
CA GLY A 304 -19.63 -7.11 -29.83
C GLY A 304 -20.57 -7.45 -28.67
N THR A 305 -20.03 -7.67 -27.47
CA THR A 305 -20.81 -8.14 -26.35
C THR A 305 -20.43 -7.37 -25.07
N ARG A 306 -21.29 -7.46 -24.08
CA ARG A 306 -21.03 -6.88 -22.76
C ARG A 306 -19.78 -7.50 -22.15
N GLU A 307 -19.61 -8.81 -22.36
CA GLU A 307 -18.49 -9.55 -21.81
C GLU A 307 -17.17 -9.02 -22.37
N GLU A 308 -17.14 -8.71 -23.67
CA GLU A 308 -15.98 -8.11 -24.30
C GLU A 308 -15.67 -6.75 -23.67
N VAL A 309 -16.72 -5.96 -23.40
CA VAL A 309 -16.54 -4.64 -22.81
C VAL A 309 -15.91 -4.76 -21.43
N VAL A 310 -16.42 -5.70 -20.63
CA VAL A 310 -15.86 -5.93 -19.30
C VAL A 310 -14.38 -6.29 -19.40
N GLU A 311 -14.04 -7.15 -20.35
CA GLU A 311 -12.67 -7.60 -20.48
C GLU A 311 -11.76 -6.43 -20.83
N ILE A 312 -12.16 -5.57 -21.77
CA ILE A 312 -11.32 -4.44 -22.15
C ILE A 312 -11.27 -3.40 -21.02
N SER A 313 -12.42 -3.10 -20.42
CA SER A 313 -12.46 -2.13 -19.33
C SER A 313 -11.58 -2.59 -18.17
N ASP A 314 -11.63 -3.88 -17.80
CA ASP A 314 -10.79 -4.37 -16.71
C ASP A 314 -9.31 -4.26 -17.06
N ARG A 315 -8.97 -4.45 -18.34
CA ARG A 315 -7.59 -4.32 -18.77
C ARG A 315 -7.12 -2.87 -18.69
N TYR A 316 -7.97 -1.93 -19.11
CA TYR A 316 -7.61 -0.51 -19.08
C TYR A 316 -7.51 -0.02 -17.63
N ALA A 317 -8.38 -0.55 -16.77
CA ALA A 317 -8.38 -0.22 -15.34
C ALA A 317 -8.36 1.29 -15.13
N SER A 318 -9.37 1.97 -15.67
CA SER A 318 -9.44 3.43 -15.61
C SER A 318 -9.65 3.97 -14.20
N GLU A 319 -8.95 5.07 -13.91
CA GLU A 319 -9.21 5.82 -12.69
C GLU A 319 -10.71 5.97 -12.45
N HIS A 320 -11.42 6.48 -13.46
CA HIS A 320 -12.85 6.75 -13.37
C HIS A 320 -13.58 5.96 -14.47
N LEU A 321 -14.72 5.38 -14.12
CA LEU A 321 -15.48 4.60 -15.09
C LEU A 321 -16.96 4.93 -14.95
N GLU A 322 -17.54 5.48 -16.02
CA GLU A 322 -18.95 5.79 -16.05
C GLU A 322 -19.62 4.67 -16.83
N VAL A 323 -20.85 4.34 -16.45
CA VAL A 323 -21.61 3.27 -17.07
C VAL A 323 -22.98 3.81 -17.48
N HIS A 324 -23.14 4.05 -18.80
CA HIS A 324 -24.39 4.53 -19.38
C HIS A 324 -25.04 3.40 -20.17
N THR A 325 -25.68 2.48 -19.46
CA THR A 325 -26.23 1.27 -20.03
C THR A 325 -27.56 0.96 -19.36
N ALA A 326 -28.28 0.05 -19.99
CA ALA A 326 -29.31 -0.70 -19.30
C ALA A 326 -28.69 -1.66 -18.29
N ASP A 327 -29.49 -2.18 -17.36
CA ASP A 327 -29.09 -3.28 -16.50
C ASP A 327 -27.82 -2.95 -15.71
N LEU A 328 -27.84 -1.82 -15.00
CA LEU A 328 -26.66 -1.39 -14.27
C LEU A 328 -26.23 -2.38 -13.18
N ASP A 329 -27.16 -3.12 -12.57
CA ASP A 329 -26.79 -4.14 -11.60
C ASP A 329 -25.73 -5.09 -12.16
N TRP A 330 -25.88 -5.47 -13.43
CA TRP A 330 -24.99 -6.45 -14.02
C TRP A 330 -23.57 -5.88 -14.11
N TRP A 331 -23.45 -4.61 -14.47
CA TRP A 331 -22.15 -3.98 -14.59
C TRP A 331 -21.48 -3.86 -13.23
N LEU A 332 -22.25 -3.46 -12.21
CA LEU A 332 -21.72 -3.40 -10.86
C LEU A 332 -21.18 -4.76 -10.45
N ALA A 333 -21.90 -5.84 -10.80
CA ALA A 333 -21.52 -7.17 -10.38
C ALA A 333 -20.30 -7.70 -11.14
N ASN A 334 -20.06 -7.25 -12.38
CA ASN A 334 -19.10 -7.89 -13.28
C ASN A 334 -17.82 -7.09 -13.51
N LEU A 335 -17.85 -5.75 -13.39
CA LEU A 335 -16.62 -4.97 -13.54
C LEU A 335 -15.73 -5.15 -12.30
N THR A 336 -14.40 -5.19 -12.46
CA THR A 336 -13.56 -5.47 -11.30
C THR A 336 -12.34 -4.54 -11.18
N CYS A 337 -11.95 -3.82 -12.24
CA CYS A 337 -10.74 -2.98 -12.19
C CYS A 337 -11.07 -1.57 -12.66
N TYR A 338 -11.23 -0.67 -11.69
CA TYR A 338 -11.49 0.74 -11.89
C TYR A 338 -11.20 1.43 -10.57
N GLY A 339 -10.98 2.74 -10.59
CA GLY A 339 -10.82 3.46 -9.33
C GLY A 339 -12.17 3.75 -8.67
N SER A 340 -13.04 4.42 -9.43
CA SER A 340 -14.33 4.89 -8.93
C SER A 340 -15.34 4.75 -10.06
N LEU A 341 -16.50 4.16 -9.74
CA LEU A 341 -17.55 3.80 -10.69
C LEU A 341 -18.74 4.74 -10.56
N PHE A 342 -19.27 5.15 -11.71
CA PHE A 342 -20.38 6.07 -11.81
C PHE A 342 -21.46 5.35 -12.58
N LEU A 343 -22.48 4.88 -11.85
CA LEU A 343 -23.53 4.05 -12.43
C LEU A 343 -24.69 4.91 -12.90
N GLY A 344 -25.02 4.80 -14.19
CA GLY A 344 -26.11 5.58 -14.76
C GLY A 344 -25.62 6.93 -15.24
N GLU A 345 -26.49 7.62 -15.99
CA GLU A 345 -26.14 8.89 -16.60
C GLU A 345 -26.15 10.02 -15.57
N GLU A 346 -26.93 9.89 -14.49
CA GLU A 346 -27.24 11.06 -13.67
C GLU A 346 -26.00 11.60 -12.96
N THR A 347 -25.28 10.71 -12.24
CA THR A 347 -23.99 11.09 -11.69
C THR A 347 -22.94 11.16 -12.80
N THR A 348 -21.81 11.77 -12.51
CA THR A 348 -20.77 11.95 -13.52
C THR A 348 -19.45 12.22 -12.80
N VAL A 349 -18.33 12.04 -13.52
CA VAL A 349 -17.02 12.19 -12.91
C VAL A 349 -16.89 13.56 -12.22
N ALA A 350 -17.32 14.67 -12.86
CA ALA A 350 -17.09 15.97 -12.23
C ALA A 350 -17.79 16.06 -10.87
N PHE A 351 -18.93 15.38 -10.73
CA PHE A 351 -19.62 15.38 -9.44
C PHE A 351 -18.74 14.70 -8.40
N GLY A 352 -18.18 13.55 -8.76
CA GLY A 352 -17.27 12.85 -7.85
C GLY A 352 -16.01 13.67 -7.57
N ASP A 353 -15.53 14.38 -8.59
CA ASP A 353 -14.36 15.24 -8.42
C ASP A 353 -14.62 16.26 -7.30
N LYS A 354 -15.83 16.84 -7.26
CA LYS A 354 -16.06 18.01 -6.42
C LYS A 354 -16.82 17.69 -5.13
N THR A 355 -17.87 16.86 -5.15
CA THR A 355 -18.78 16.90 -4.00
C THR A 355 -19.65 15.66 -3.78
N SER A 356 -19.62 14.61 -4.62
CA SER A 356 -20.49 13.46 -4.39
C SER A 356 -20.28 12.88 -3.00
N GLY A 357 -19.02 12.72 -2.61
CA GLY A 357 -18.67 12.12 -1.34
C GLY A 357 -17.46 11.20 -1.43
N PRO A 358 -17.50 10.14 -2.23
CA PRO A 358 -16.35 9.25 -2.35
C PRO A 358 -15.14 10.03 -2.83
N ASN A 359 -13.96 9.59 -2.41
CA ASN A 359 -12.74 10.31 -2.70
C ASN A 359 -12.47 10.36 -4.21
N HIS A 360 -11.91 11.48 -4.68
CA HIS A 360 -11.49 11.58 -6.06
C HIS A 360 -10.03 11.18 -6.25
N VAL A 361 -9.24 11.08 -5.20
CA VAL A 361 -7.82 10.80 -5.36
C VAL A 361 -7.70 9.30 -5.61
N LEU A 362 -7.30 8.95 -6.85
CA LEU A 362 -7.60 7.65 -7.41
C LEU A 362 -6.43 7.13 -8.25
N PRO A 363 -6.30 5.80 -8.37
CA PRO A 363 -5.24 5.18 -9.17
C PRO A 363 -5.33 5.49 -10.65
N THR A 364 -4.15 5.79 -11.22
CA THR A 364 -4.00 5.93 -12.66
C THR A 364 -2.93 4.97 -13.14
N LYS A 365 -2.73 4.96 -14.46
CA LYS A 365 -1.67 4.16 -15.05
C LYS A 365 -1.81 2.70 -14.62
N GLY A 366 -3.06 2.24 -14.51
CA GLY A 366 -3.32 0.83 -14.30
C GLY A 366 -3.28 0.40 -12.84
N ALA A 367 -3.08 1.35 -11.92
CA ALA A 367 -2.96 0.98 -10.52
C ALA A 367 -4.26 0.41 -9.95
N ALA A 368 -5.38 0.66 -10.63
CA ALA A 368 -6.67 0.12 -10.21
C ALA A 368 -6.70 -1.41 -10.32
N ARG A 369 -5.68 -2.00 -10.92
CA ARG A 369 -5.55 -3.46 -10.88
C ARG A 369 -5.28 -3.95 -9.45
N TYR A 370 -4.74 -3.06 -8.58
CA TYR A 370 -4.32 -3.54 -7.26
C TYR A 370 -4.71 -2.62 -6.10
N SER A 371 -5.28 -1.44 -6.36
CA SER A 371 -5.66 -0.56 -5.27
C SER A 371 -6.88 0.26 -5.66
N GLY A 372 -7.72 0.55 -4.67
CA GLY A 372 -8.65 1.66 -4.77
C GLY A 372 -7.96 2.99 -4.46
N GLY A 373 -8.78 4.02 -4.30
CA GLY A 373 -8.28 5.36 -4.08
C GLY A 373 -7.87 5.66 -2.63
N LEU A 374 -7.49 6.93 -2.46
CA LEU A 374 -7.36 7.49 -1.13
C LEU A 374 -8.67 7.27 -0.39
N SER A 375 -8.54 6.89 0.88
CA SER A 375 -9.67 6.70 1.76
C SER A 375 -9.13 6.59 3.17
N VAL A 376 -10.01 6.50 4.15
CA VAL A 376 -9.58 6.33 5.53
C VAL A 376 -8.76 5.04 5.65
N HIS A 377 -9.02 4.04 4.80
CA HIS A 377 -8.27 2.79 4.85
C HIS A 377 -6.76 2.99 4.67
N LYS A 378 -6.38 4.04 3.94
CA LYS A 378 -4.98 4.30 3.67
C LYS A 378 -4.26 4.92 4.85
N PHE A 379 -5.01 5.32 5.89
CA PHE A 379 -4.45 5.93 7.09
C PHE A 379 -4.49 4.95 8.27
N MET A 380 -5.12 3.81 8.09
CA MET A 380 -5.21 2.86 9.20
C MET A 380 -4.15 1.80 9.00
N LYS A 381 -3.55 1.42 10.10
CA LYS A 381 -2.68 0.26 10.08
C LYS A 381 -3.47 -0.89 10.65
N THR A 382 -3.46 -2.02 9.94
CA THR A 382 -4.07 -3.22 10.42
CA THR A 382 -4.09 -3.23 10.45
C THR A 382 -2.99 -4.15 10.97
N LEU A 383 -2.82 -4.12 12.31
CA LEU A 383 -1.76 -4.83 12.98
C LEU A 383 -2.33 -6.08 13.61
N THR A 384 -1.46 -7.04 13.87
CA THR A 384 -1.91 -8.26 14.52
C THR A 384 -1.27 -8.36 15.91
N TRP A 385 -2.00 -9.03 16.80
CA TRP A 385 -1.48 -9.35 18.12
C TRP A 385 -1.90 -10.77 18.46
N GLN A 386 -1.18 -11.38 19.42
CA GLN A 386 -1.54 -12.71 19.86
C GLN A 386 -1.09 -12.91 21.30
N GLN A 387 -1.74 -13.87 21.94
CA GLN A 387 -1.48 -14.23 23.33
C GLN A 387 -1.81 -15.70 23.47
N MET A 388 -1.00 -16.44 24.24
CA MET A 388 -1.24 -17.87 24.41
C MET A 388 -1.28 -18.23 25.89
N THR A 389 -2.07 -19.28 26.20
CA THR A 389 -1.91 -20.01 27.45
C THR A 389 -0.65 -20.88 27.32
N ARG A 390 -0.12 -21.31 28.47
CA ARG A 390 0.96 -22.26 28.42
C ARG A 390 0.54 -23.54 27.68
N GLU A 391 -0.70 -23.96 27.91
CA GLU A 391 -1.19 -25.19 27.31
C GLU A 391 -1.11 -25.15 25.79
N ALA A 392 -1.45 -24.00 25.19
CA ALA A 392 -1.41 -23.87 23.75
C ALA A 392 -0.01 -24.16 23.19
N THR A 393 1.02 -23.88 23.99
CA THR A 393 2.40 -23.99 23.54
C THR A 393 2.85 -25.45 23.39
N ARG A 394 2.13 -26.42 23.98
CA ARG A 394 2.47 -27.81 23.75
C ARG A 394 2.45 -28.17 22.26
N GLN A 395 1.33 -27.88 21.58
CA GLN A 395 1.24 -28.12 20.14
C GLN A 395 2.05 -27.09 19.36
N ILE A 396 1.85 -25.82 19.69
CA ILE A 396 2.42 -24.74 18.90
C ILE A 396 3.94 -24.82 18.95
N GLY A 397 4.47 -25.13 20.13
CA GLY A 397 5.91 -25.15 20.34
C GLY A 397 6.58 -26.32 19.65
N GLN A 398 5.99 -27.52 19.71
CA GLN A 398 6.62 -28.64 19.02
C GLN A 398 6.61 -28.49 17.50
N VAL A 399 5.49 -27.99 16.94
CA VAL A 399 5.39 -27.75 15.51
C VAL A 399 6.44 -26.71 15.12
N THR A 400 6.57 -25.66 15.96
CA THR A 400 7.53 -24.59 15.70
C THR A 400 8.96 -25.15 15.70
N ALA A 401 9.30 -25.94 16.72
CA ALA A 401 10.65 -26.50 16.81
C ALA A 401 10.97 -27.39 15.62
N ARG A 402 10.02 -28.27 15.22
CA ARG A 402 10.28 -29.17 14.12
C ARG A 402 10.44 -28.40 12.81
N ILE A 403 9.51 -27.51 12.50
CA ILE A 403 9.58 -26.77 11.26
C ILE A 403 10.86 -25.93 11.24
N SER A 404 11.18 -25.27 12.36
CA SER A 404 12.38 -24.45 12.45
C SER A 404 13.61 -25.28 12.06
N ARG A 405 13.70 -26.49 12.61
CA ARG A 405 14.85 -27.33 12.37
C ARG A 405 14.90 -27.84 10.94
N LEU A 406 13.74 -28.12 10.32
CA LEU A 406 13.68 -28.45 8.90
C LEU A 406 14.25 -27.33 8.06
N GLU A 407 14.02 -26.07 8.49
CA GLU A 407 14.47 -24.90 7.73
C GLU A 407 15.96 -24.63 7.97
N GLY A 408 16.50 -25.22 9.04
CA GLY A 408 17.89 -25.01 9.43
C GLY A 408 18.07 -23.95 10.49
N MET A 409 16.97 -23.54 11.16
CA MET A 409 16.94 -22.44 12.10
C MET A 409 16.92 -22.96 13.54
N GLU A 410 18.11 -23.29 14.03
CA GLU A 410 18.27 -23.86 15.35
C GLU A 410 17.92 -22.91 16.48
N ALA A 411 18.35 -21.63 16.41
CA ALA A 411 18.04 -20.68 17.47
C ALA A 411 16.53 -20.48 17.62
N HIS A 412 15.81 -20.50 16.49
CA HIS A 412 14.35 -20.42 16.52
C HIS A 412 13.77 -21.59 17.33
N ALA A 413 14.24 -22.80 17.03
CA ALA A 413 13.77 -23.98 17.72
C ALA A 413 14.09 -23.94 19.21
N ARG A 414 15.25 -23.37 19.58
CA ARG A 414 15.62 -23.30 20.98
C ARG A 414 14.65 -22.42 21.78
N THR A 415 14.00 -21.44 21.16
CA THR A 415 13.03 -20.65 21.91
C THR A 415 11.81 -21.49 22.28
N ALA A 416 11.50 -22.50 21.46
CA ALA A 416 10.41 -23.45 21.73
C ALA A 416 10.86 -24.49 22.76
N ASP A 417 12.06 -25.03 22.56
CA ASP A 417 12.63 -25.95 23.54
C ASP A 417 12.60 -25.34 24.94
N ASP A 418 13.02 -24.07 25.06
CA ASP A 418 13.16 -23.44 26.35
C ASP A 418 11.80 -23.30 27.05
N ARG A 419 10.76 -22.95 26.27
CA ARG A 419 9.43 -22.90 26.84
C ARG A 419 8.94 -24.29 27.25
N MET A 420 9.19 -25.31 26.44
CA MET A 420 8.69 -26.63 26.75
C MET A 420 9.34 -27.11 28.05
N ALA A 421 10.64 -26.82 28.23
CA ALA A 421 11.32 -27.25 29.45
C ALA A 421 10.84 -26.47 30.66
N LYS A 422 10.53 -25.19 30.51
CA LYS A 422 10.10 -24.36 31.62
C LYS A 422 8.67 -24.71 32.04
N TYR A 423 7.77 -24.82 31.06
CA TYR A 423 6.36 -24.98 31.35
C TYR A 423 5.99 -26.45 31.60
N PHE A 424 6.65 -27.36 30.89
CA PHE A 424 6.25 -28.76 30.90
C PHE A 424 7.50 -29.64 30.96
N PRO A 425 8.27 -29.57 32.06
CA PRO A 425 9.54 -30.30 32.16
C PRO A 425 9.47 -31.81 31.97
N ASN A 426 8.27 -32.39 32.17
CA ASN A 426 8.12 -33.84 32.08
C ASN A 426 7.59 -34.28 30.72
N ALA A 427 7.22 -33.34 29.83
CA ALA A 427 6.75 -33.73 28.52
C ALA A 427 7.91 -34.24 27.69
N SER A 428 7.65 -35.12 26.71
CA SER A 428 8.71 -35.64 25.86
C SER A 428 8.28 -35.66 24.40
N PHE A 429 8.02 -34.48 23.84
CA PHE A 429 7.63 -34.36 22.44
C PHE A 429 8.84 -34.44 21.51
N GLU A 430 8.58 -34.78 20.24
CA GLU A 430 9.59 -34.70 19.21
CA GLU A 430 9.58 -34.70 19.20
C GLU A 430 9.79 -33.24 18.83
N MET A 431 10.98 -32.70 19.11
CA MET A 431 11.27 -31.29 18.84
C MET A 431 12.21 -31.12 17.65
N GLY A 432 12.50 -32.22 16.93
CA GLY A 432 13.30 -32.19 15.71
C GLY A 432 14.78 -32.44 16.00
N THR A 433 15.48 -33.01 15.00
CA THR A 433 16.91 -33.25 15.11
C THR A 433 17.64 -31.91 15.13
N PRO A 434 18.43 -31.61 16.16
CA PRO A 434 19.18 -30.36 16.23
C PRO A 434 20.06 -30.18 14.99
N VAL A 435 20.10 -28.92 14.53
CA VAL A 435 20.92 -28.54 13.39
C VAL A 435 22.38 -28.49 13.84
N GLU A 436 23.28 -28.99 12.97
CA GLU A 436 24.69 -29.13 13.32
C GLU A 436 25.59 -28.25 12.45
N VAL A 437 25.02 -27.69 11.37
CA VAL A 437 25.81 -26.96 10.38
C VAL A 437 25.35 -25.49 10.39
N MET B 2 14.64 10.05 31.60
CA MET B 2 15.38 8.88 32.13
C MET B 2 15.38 7.76 31.08
N ILE B 3 16.26 7.91 30.08
CA ILE B 3 16.44 6.93 29.02
C ILE B 3 17.95 6.74 28.79
N SER B 4 18.42 5.50 28.86
CA SER B 4 19.84 5.19 28.84
C SER B 4 20.10 3.99 27.93
N TYR B 5 20.99 4.16 26.94
CA TYR B 5 21.46 3.06 26.12
C TYR B 5 22.54 2.29 26.88
N LEU B 6 22.22 1.03 27.27
CA LEU B 6 23.21 0.16 27.89
C LEU B 6 24.00 -0.57 26.83
N LYS B 7 23.39 -0.77 25.64
CA LYS B 7 24.08 -1.21 24.45
C LYS B 7 23.56 -0.39 23.27
N LYS B 8 24.49 0.23 22.54
CA LYS B 8 24.16 1.05 21.38
C LYS B 8 24.75 0.38 20.14
N ALA B 9 23.97 0.36 19.06
CA ALA B 9 24.38 -0.27 17.82
C ALA B 9 25.17 0.70 16.95
N GLU B 10 26.21 0.19 16.31
CA GLU B 10 26.93 0.89 15.25
C GLU B 10 26.07 0.98 13.98
N LYS B 11 25.29 -0.07 13.71
CA LYS B 11 24.53 -0.17 12.47
C LYS B 11 23.04 -0.27 12.77
N THR B 12 22.24 0.19 11.79
CA THR B 12 20.78 0.12 11.89
C THR B 12 20.27 -0.45 10.57
N PRO B 13 18.96 -0.77 10.48
CA PRO B 13 18.39 -1.13 9.17
C PRO B 13 18.60 -0.14 8.01
N GLN B 14 18.97 1.12 8.33
CA GLN B 14 19.26 2.15 7.33
C GLN B 14 20.67 1.98 6.74
N THR B 15 21.58 1.34 7.48
CA THR B 15 22.99 1.32 7.12
C THR B 15 23.22 0.80 5.70
N GLU B 16 22.49 -0.25 5.30
CA GLU B 16 22.79 -0.96 4.06
C GLU B 16 21.91 -0.50 2.90
N THR B 17 21.13 0.59 3.08
CA THR B 17 20.23 1.09 2.04
C THR B 17 20.97 1.28 0.71
N ALA B 18 22.08 2.03 0.72
CA ALA B 18 22.73 2.41 -0.54
C ALA B 18 23.22 1.20 -1.33
N THR B 19 23.82 0.22 -0.62
CA THR B 19 24.31 -1.00 -1.22
C THR B 19 23.18 -1.72 -1.95
N ALA B 20 22.04 -1.87 -1.27
CA ALA B 20 20.90 -2.55 -1.86
C ALA B 20 20.40 -1.79 -3.08
N GLN B 21 20.26 -0.48 -2.95
CA GLN B 21 19.68 0.33 -4.02
C GLN B 21 20.55 0.27 -5.29
N LYS B 22 21.86 0.25 -5.12
CA LYS B 22 22.77 0.28 -6.26
C LYS B 22 22.60 -1.01 -7.08
N VAL B 23 22.63 -2.15 -6.37
CA VAL B 23 22.47 -3.45 -7.00
C VAL B 23 21.11 -3.54 -7.70
N VAL B 24 20.04 -3.10 -7.02
CA VAL B 24 18.72 -3.28 -7.59
C VAL B 24 18.55 -2.39 -8.82
N THR B 25 19.03 -1.14 -8.74
CA THR B 25 18.93 -0.22 -9.88
C THR B 25 19.60 -0.86 -11.11
N GLU B 26 20.81 -1.42 -10.93
CA GLU B 26 21.55 -2.04 -12.03
C GLU B 26 20.79 -3.23 -12.63
N MET B 27 20.29 -4.13 -11.76
CA MET B 27 19.69 -5.38 -12.19
C MET B 27 18.35 -5.14 -12.87
N LEU B 28 17.55 -4.21 -12.31
CA LEU B 28 16.26 -3.89 -12.90
C LEU B 28 16.48 -3.28 -14.28
N ALA B 29 17.53 -2.45 -14.42
CA ALA B 29 17.80 -1.83 -15.71
C ALA B 29 18.09 -2.93 -16.74
N GLU B 30 18.94 -3.89 -16.35
CA GLU B 30 19.33 -5.01 -17.20
C GLU B 30 18.13 -5.88 -17.58
N ILE B 31 17.22 -6.12 -16.62
CA ILE B 31 16.10 -7.00 -16.86
C ILE B 31 15.06 -6.31 -17.75
N GLN B 32 14.83 -5.02 -17.51
CA GLN B 32 13.98 -4.23 -18.39
C GLN B 32 14.49 -4.31 -19.83
N ALA B 33 15.81 -4.18 -20.03
CA ALA B 33 16.40 -4.18 -21.36
C ALA B 33 16.34 -5.57 -22.00
N ARG B 34 16.62 -6.64 -21.24
CA ARG B 34 16.93 -7.92 -21.86
C ARG B 34 16.07 -9.07 -21.35
N GLY B 35 15.07 -8.80 -20.49
CA GLY B 35 14.00 -9.74 -20.25
C GLY B 35 14.50 -11.09 -19.72
N LYS B 36 13.93 -12.18 -20.25
CA LYS B 36 14.22 -13.52 -19.78
C LYS B 36 15.71 -13.83 -19.85
N ASP B 37 16.40 -13.35 -20.89
CA ASP B 37 17.81 -13.68 -21.06
C ASP B 37 18.61 -13.09 -19.90
N ALA B 38 18.28 -11.86 -19.48
CA ALA B 38 18.96 -11.23 -18.37
C ALA B 38 18.69 -12.04 -17.09
N VAL B 39 17.46 -12.53 -16.95
CA VAL B 39 17.11 -13.28 -15.75
C VAL B 39 17.85 -14.61 -15.71
N ARG B 40 17.88 -15.35 -16.85
CA ARG B 40 18.58 -16.61 -16.89
C ARG B 40 20.07 -16.41 -16.58
N GLN B 41 20.66 -15.29 -17.05
CA GLN B 41 22.07 -15.00 -16.79
C GLN B 41 22.28 -14.74 -15.30
N TYR B 42 21.39 -13.95 -14.66
CA TYR B 42 21.53 -13.70 -13.24
C TYR B 42 21.37 -15.00 -12.46
N ALA B 43 20.43 -15.86 -12.87
CA ALA B 43 20.18 -17.10 -12.16
C ALA B 43 21.43 -17.98 -12.20
N LYS B 44 22.10 -18.00 -13.35
CA LYS B 44 23.34 -18.76 -13.53
C LYS B 44 24.46 -18.17 -12.67
N GLN B 45 24.72 -16.87 -12.80
CA GLN B 45 25.89 -16.25 -12.19
C GLN B 45 25.70 -16.17 -10.66
N LEU B 46 24.46 -15.92 -10.20
CA LEU B 46 24.19 -15.72 -8.78
C LEU B 46 23.89 -17.03 -8.06
N ASP B 47 23.11 -17.92 -8.69
CA ASP B 47 22.54 -19.04 -7.98
C ASP B 47 23.03 -20.38 -8.54
N GLY B 48 23.92 -20.34 -9.54
CA GLY B 48 24.49 -21.55 -10.11
C GLY B 48 23.48 -22.35 -10.94
N TRP B 49 22.45 -21.67 -11.45
CA TRP B 49 21.29 -22.38 -12.01
C TRP B 49 21.26 -22.26 -13.52
N SER B 50 21.22 -23.43 -14.19
CA SER B 50 21.16 -23.51 -15.64
C SER B 50 19.90 -24.20 -16.12
N GLY B 51 19.20 -24.88 -15.20
CA GLY B 51 18.03 -25.67 -15.55
C GLY B 51 16.83 -24.79 -15.91
N ASP B 52 15.69 -25.47 -16.09
CA ASP B 52 14.43 -24.83 -16.40
C ASP B 52 13.97 -24.03 -15.19
N ILE B 53 13.25 -22.94 -15.47
CA ILE B 53 12.82 -22.04 -14.41
C ILE B 53 11.40 -22.40 -13.95
N VAL B 54 10.47 -22.59 -14.89
CA VAL B 54 9.11 -22.98 -14.52
C VAL B 54 9.09 -24.49 -14.26
N LEU B 55 8.67 -24.91 -13.08
CA LEU B 55 8.59 -26.34 -12.78
C LEU B 55 7.29 -26.88 -13.36
N THR B 56 7.34 -28.07 -13.94
CA THR B 56 6.12 -28.73 -14.36
C THR B 56 5.48 -29.45 -13.17
N PRO B 57 4.17 -29.78 -13.24
CA PRO B 57 3.54 -30.62 -12.23
C PRO B 57 4.30 -31.94 -11.98
N ASP B 58 4.81 -32.56 -13.05
CA ASP B 58 5.55 -33.80 -12.87
C ASP B 58 6.80 -33.53 -12.05
N GLN B 59 7.50 -32.43 -12.34
CA GLN B 59 8.71 -32.09 -11.60
C GLN B 59 8.39 -31.80 -10.13
N ILE B 60 7.30 -31.09 -9.89
CA ILE B 60 6.89 -30.78 -8.52
C ILE B 60 6.65 -32.09 -7.76
N ARG B 61 5.95 -33.04 -8.39
CA ARG B 61 5.64 -34.31 -7.75
C ARG B 61 6.93 -35.07 -7.50
N GLU B 62 7.79 -35.15 -8.52
CA GLU B 62 9.04 -35.90 -8.41
C GLU B 62 9.87 -35.33 -7.26
N GLN B 63 9.95 -34.00 -7.15
CA GLN B 63 10.86 -33.39 -6.20
C GLN B 63 10.33 -33.41 -4.78
N THR B 64 9.04 -33.74 -4.57
CA THR B 64 8.45 -33.81 -3.24
C THR B 64 8.07 -35.24 -2.86
N LYS B 65 8.39 -36.24 -3.70
CA LYS B 65 7.83 -37.58 -3.53
C LYS B 65 8.29 -38.24 -2.24
N ASP B 66 9.47 -37.85 -1.73
CA ASP B 66 10.03 -38.46 -0.55
C ASP B 66 9.79 -37.62 0.70
N VAL B 67 8.98 -36.55 0.60
CA VAL B 67 8.74 -35.73 1.78
C VAL B 67 7.87 -36.54 2.75
N PRO B 68 8.34 -36.81 3.99
CA PRO B 68 7.64 -37.74 4.87
C PRO B 68 6.30 -37.23 5.37
N ALA B 69 5.47 -38.18 5.79
CA ALA B 69 4.14 -37.88 6.28
C ALA B 69 4.17 -36.89 7.45
N GLY B 70 5.15 -37.05 8.34
CA GLY B 70 5.23 -36.24 9.55
C GLY B 70 5.56 -34.78 9.23
N VAL B 71 6.38 -34.58 8.20
CA VAL B 71 6.72 -33.23 7.75
C VAL B 71 5.48 -32.60 7.13
N ARG B 72 4.82 -33.36 6.24
CA ARG B 72 3.62 -32.87 5.61
CA ARG B 72 3.61 -32.90 5.59
C ARG B 72 2.56 -32.52 6.64
N ALA B 73 2.45 -33.30 7.72
CA ALA B 73 1.43 -33.05 8.75
C ALA B 73 1.68 -31.73 9.46
N ASP B 74 2.95 -31.42 9.74
CA ASP B 74 3.30 -30.18 10.42
C ASP B 74 3.01 -28.99 9.51
N ILE B 75 3.43 -29.08 8.26
CA ILE B 75 3.22 -27.99 7.31
C ILE B 75 1.71 -27.79 7.09
N ASP B 76 0.97 -28.90 6.99
CA ASP B 76 -0.47 -28.80 6.78
C ASP B 76 -1.16 -28.12 7.97
N PHE B 77 -0.74 -28.44 9.20
CA PHE B 77 -1.31 -27.84 10.38
C PHE B 77 -1.06 -26.33 10.35
N ALA B 78 0.17 -25.93 10.02
CA ALA B 78 0.52 -24.53 9.94
C ALA B 78 -0.30 -23.82 8.87
N ILE B 79 -0.45 -24.42 7.68
CA ILE B 79 -1.30 -23.85 6.65
C ILE B 79 -2.73 -23.63 7.15
N ARG B 80 -3.25 -24.56 7.95
CA ARG B 80 -4.60 -24.39 8.48
C ARG B 80 -4.68 -23.18 9.41
N GLN B 81 -3.65 -22.96 10.25
CA GLN B 81 -3.73 -21.88 11.21
C GLN B 81 -3.67 -20.52 10.50
N VAL B 82 -2.80 -20.45 9.49
CA VAL B 82 -2.66 -19.25 8.68
C VAL B 82 -3.96 -19.00 7.93
N THR B 83 -4.54 -20.04 7.33
CA THR B 83 -5.81 -19.89 6.62
C THR B 83 -6.93 -19.44 7.55
N ASP B 84 -7.06 -20.08 8.73
CA ASP B 84 -8.09 -19.73 9.69
C ASP B 84 -8.02 -18.25 10.07
N PHE B 85 -6.82 -17.75 10.38
CA PHE B 85 -6.74 -16.35 10.74
C PHE B 85 -7.00 -15.45 9.52
N ALA B 86 -6.54 -15.86 8.33
CA ALA B 86 -6.74 -15.05 7.12
C ALA B 86 -8.24 -14.88 6.85
N LEU B 87 -9.01 -15.96 7.04
CA LEU B 87 -10.44 -15.89 6.80
C LEU B 87 -11.10 -14.97 7.83
N ALA B 88 -10.61 -14.98 9.07
CA ALA B 88 -11.13 -14.06 10.07
C ALA B 88 -10.83 -12.62 9.65
N GLN B 89 -9.62 -12.35 9.17
CA GLN B 89 -9.30 -11.01 8.70
C GLN B 89 -10.17 -10.62 7.51
N ARG B 90 -10.45 -11.57 6.63
CA ARG B 90 -11.25 -11.25 5.45
C ARG B 90 -12.65 -10.80 5.89
N GLU B 91 -13.18 -11.39 6.97
CA GLU B 91 -14.54 -11.03 7.41
C GLU B 91 -14.58 -9.64 8.02
N SER B 92 -13.42 -9.08 8.42
CA SER B 92 -13.38 -7.80 9.11
C SER B 92 -13.51 -6.59 8.18
N LEU B 93 -13.48 -6.81 6.86
CA LEU B 93 -13.64 -5.72 5.89
C LEU B 93 -14.92 -5.98 5.10
N LYS B 94 -15.88 -5.05 5.21
CA LYS B 94 -17.21 -5.24 4.66
C LYS B 94 -17.50 -4.33 3.47
N GLU B 95 -18.34 -4.82 2.57
CA GLU B 95 -18.96 -3.98 1.56
C GLU B 95 -20.14 -3.26 2.23
N PHE B 96 -20.53 -2.12 1.64
CA PHE B 96 -21.67 -1.39 2.14
C PHE B 96 -22.13 -0.42 1.06
N SER B 97 -23.36 0.10 1.25
CA SER B 97 -23.77 1.31 0.58
C SER B 97 -24.49 2.22 1.58
N VAL B 98 -24.50 3.50 1.26
CA VAL B 98 -25.08 4.52 2.11
CA VAL B 98 -25.10 4.52 2.11
C VAL B 98 -25.72 5.58 1.22
N GLU B 99 -26.72 6.28 1.77
CA GLU B 99 -27.25 7.49 1.15
C GLU B 99 -26.53 8.70 1.76
N LEU B 100 -26.09 9.65 0.91
CA LEU B 100 -25.43 10.87 1.33
C LEU B 100 -26.43 12.01 1.22
N HIS B 101 -26.21 12.99 0.31
CA HIS B 101 -27.25 13.95 -0.01
C HIS B 101 -28.45 13.12 -0.49
N PRO B 102 -29.72 13.52 -0.21
CA PRO B 102 -30.85 12.70 -0.65
C PRO B 102 -30.74 12.37 -2.14
N GLY B 103 -30.90 11.08 -2.42
CA GLY B 103 -30.88 10.62 -3.79
C GLY B 103 -29.48 10.26 -4.29
N VAL B 104 -28.45 10.49 -3.47
CA VAL B 104 -27.09 10.07 -3.76
C VAL B 104 -26.82 8.77 -3.02
N THR B 105 -26.63 7.68 -3.76
CA THR B 105 -26.22 6.41 -3.19
C THR B 105 -24.73 6.20 -3.51
N ALA B 106 -23.97 5.80 -2.51
CA ALA B 106 -22.55 5.53 -2.71
C ALA B 106 -22.18 4.28 -1.94
N GLY B 107 -21.22 3.52 -2.46
CA GLY B 107 -20.85 2.31 -1.77
C GLY B 107 -19.42 1.91 -2.00
N GLN B 108 -19.07 0.80 -1.35
CA GLN B 108 -17.73 0.23 -1.37
C GLN B 108 -17.83 -1.23 -1.78
N ARG B 109 -17.11 -1.57 -2.85
CA ARG B 109 -16.95 -2.94 -3.30
C ARG B 109 -15.60 -3.42 -2.84
N VAL B 110 -15.51 -4.69 -2.47
CA VAL B 110 -14.27 -5.27 -1.98
C VAL B 110 -13.97 -6.47 -2.86
N LEU B 111 -12.92 -6.35 -3.68
CA LEU B 111 -12.68 -7.29 -4.76
C LEU B 111 -11.24 -7.79 -4.74
N PRO B 112 -11.00 -9.11 -4.89
CA PRO B 112 -9.63 -9.62 -4.93
C PRO B 112 -8.94 -9.26 -6.23
N VAL B 113 -7.61 -9.10 -6.13
CA VAL B 113 -6.78 -8.95 -7.31
C VAL B 113 -6.76 -10.27 -8.08
N ASN B 114 -6.31 -10.20 -9.33
CA ASN B 114 -6.34 -11.34 -10.24
C ASN B 114 -5.13 -12.26 -10.07
N VAL B 115 -3.91 -11.68 -10.08
CA VAL B 115 -2.67 -12.45 -10.08
C VAL B 115 -1.78 -11.94 -8.94
N VAL B 116 -1.33 -12.87 -8.10
CA VAL B 116 -0.35 -12.57 -7.07
C VAL B 116 0.91 -13.36 -7.36
N GLY B 117 2.06 -12.68 -7.20
CA GLY B 117 3.36 -13.31 -7.16
C GLY B 117 3.86 -13.36 -5.72
N CYS B 118 4.24 -14.55 -5.25
CA CYS B 118 4.74 -14.77 -3.90
C CYS B 118 6.20 -15.24 -3.92
N TYR B 119 7.04 -14.58 -3.12
CA TYR B 119 8.42 -14.97 -2.97
C TYR B 119 8.63 -15.61 -1.61
N ALA B 120 9.33 -16.74 -1.58
CA ALA B 120 9.78 -17.39 -0.36
C ALA B 120 11.29 -17.46 -0.41
N PRO B 121 12.01 -16.81 0.55
CA PRO B 121 13.46 -16.79 0.48
C PRO B 121 14.12 -18.14 0.72
N ALA B 122 15.34 -18.26 0.20
CA ALA B 122 16.18 -19.40 0.48
C ALA B 122 17.60 -18.95 0.20
N GLY B 123 18.40 -18.97 1.26
CA GLY B 123 19.77 -18.50 1.18
C GLY B 123 20.55 -19.09 2.35
N ARG B 124 20.53 -18.36 3.46
CA ARG B 124 21.13 -18.87 4.68
C ARG B 124 20.33 -20.07 5.15
N TYR B 125 18.99 -19.89 5.15
CA TYR B 125 18.05 -20.95 5.50
C TYR B 125 17.06 -21.10 4.36
N ALA B 126 16.25 -22.19 4.43
CA ALA B 126 15.17 -22.44 3.50
C ALA B 126 13.84 -22.10 4.18
N HIS B 127 13.14 -21.11 3.64
CA HIS B 127 12.00 -20.53 4.33
C HIS B 127 10.70 -21.26 4.00
N ILE B 128 10.54 -22.42 4.62
CA ILE B 128 9.35 -23.24 4.43
C ILE B 128 8.11 -22.43 4.84
N ALA B 129 8.14 -21.82 6.02
CA ALA B 129 6.96 -21.10 6.52
C ALA B 129 6.65 -19.92 5.60
N SER B 130 7.66 -19.18 5.13
CA SER B 130 7.40 -18.08 4.21
C SER B 130 6.64 -18.55 2.96
N ALA B 131 6.91 -19.79 2.53
CA ALA B 131 6.27 -20.33 1.34
C ALA B 131 4.75 -20.41 1.52
N TYR B 132 4.26 -20.85 2.68
CA TYR B 132 2.81 -20.86 2.87
C TYR B 132 2.25 -19.51 3.35
N MET B 133 3.04 -18.65 3.98
CA MET B 133 2.51 -17.37 4.45
C MET B 133 1.93 -16.54 3.29
N GLY B 134 2.62 -16.55 2.15
CA GLY B 134 2.15 -15.81 0.98
C GLY B 134 1.01 -16.54 0.28
N VAL B 135 1.29 -17.77 -0.18
CA VAL B 135 0.37 -18.48 -1.04
C VAL B 135 -0.95 -18.74 -0.30
N ALA B 136 -0.89 -19.21 0.94
CA ALA B 136 -2.12 -19.57 1.66
C ALA B 136 -3.01 -18.34 1.85
N THR B 137 -2.37 -17.18 2.06
CA THR B 137 -3.11 -15.94 2.27
C THR B 137 -3.76 -15.50 0.96
N ALA B 138 -3.04 -15.61 -0.17
CA ALA B 138 -3.60 -15.24 -1.46
C ALA B 138 -4.83 -16.11 -1.76
N LYS B 139 -4.74 -17.41 -1.48
CA LYS B 139 -5.87 -18.29 -1.74
C LYS B 139 -7.03 -17.95 -0.80
N ALA B 140 -6.74 -17.62 0.46
CA ALA B 140 -7.77 -17.24 1.40
C ALA B 140 -8.52 -15.99 0.95
N ALA B 141 -7.81 -15.10 0.24
CA ALA B 141 -8.39 -13.88 -0.29
C ALA B 141 -9.21 -14.13 -1.56
N GLY B 142 -9.13 -15.33 -2.13
CA GLY B 142 -9.89 -15.65 -3.35
C GLY B 142 -9.18 -15.23 -4.63
N VAL B 143 -7.84 -15.09 -4.55
CA VAL B 143 -7.05 -14.76 -5.72
C VAL B 143 -6.98 -16.00 -6.61
N LYS B 144 -7.32 -15.79 -7.87
CA LYS B 144 -7.48 -16.87 -8.83
C LYS B 144 -6.15 -17.45 -9.33
N THR B 145 -5.13 -16.60 -9.51
CA THR B 145 -3.85 -17.11 -10.01
C THR B 145 -2.74 -16.72 -9.04
N VAL B 146 -2.00 -17.71 -8.55
CA VAL B 146 -0.87 -17.46 -7.66
C VAL B 146 0.40 -18.08 -8.24
N VAL B 147 1.40 -17.23 -8.45
CA VAL B 147 2.70 -17.62 -8.97
C VAL B 147 3.66 -17.54 -7.79
N ALA B 148 4.52 -18.55 -7.65
CA ALA B 148 5.40 -18.63 -6.50
C ALA B 148 6.82 -18.88 -6.95
N CYS B 149 7.78 -18.19 -6.34
CA CYS B 149 9.20 -18.38 -6.60
C CYS B 149 9.94 -18.60 -5.28
N SER B 150 10.95 -19.48 -5.33
CA SER B 150 11.95 -19.61 -4.30
C SER B 150 13.30 -19.89 -4.95
N SER B 151 14.36 -19.38 -4.31
CA SER B 151 15.70 -19.44 -4.89
C SER B 151 16.15 -20.90 -4.97
N PRO B 152 16.85 -21.29 -6.08
CA PRO B 152 17.64 -22.52 -6.07
C PRO B 152 18.46 -22.45 -4.80
N PHE B 153 18.53 -23.58 -4.10
CA PHE B 153 19.09 -23.63 -2.76
C PHE B 153 20.32 -24.53 -2.76
N ARG B 154 21.49 -23.89 -2.57
CA ARG B 154 22.78 -24.58 -2.46
C ARG B 154 23.15 -25.27 -3.78
N GLY B 155 23.01 -24.54 -4.88
CA GLY B 155 23.41 -25.06 -6.19
C GLY B 155 22.54 -26.22 -6.66
N GLN B 156 21.49 -26.55 -5.87
CA GLN B 156 20.43 -27.46 -6.29
C GLN B 156 19.19 -26.62 -6.58
N GLY B 157 18.02 -27.27 -6.62
CA GLY B 157 16.78 -26.58 -6.98
C GLY B 157 16.08 -26.03 -5.74
N ILE B 158 14.76 -25.82 -5.88
CA ILE B 158 13.98 -25.35 -4.74
C ILE B 158 14.06 -26.39 -3.64
N HIS B 159 14.23 -25.94 -2.39
CA HIS B 159 14.25 -26.85 -1.26
C HIS B 159 12.94 -27.65 -1.25
N PRO B 160 12.96 -28.99 -1.08
CA PRO B 160 11.76 -29.80 -1.26
C PRO B 160 10.59 -29.49 -0.33
N HIS B 161 10.92 -29.02 0.87
CA HIS B 161 9.88 -28.68 1.85
C HIS B 161 9.28 -27.31 1.52
N VAL B 162 10.08 -26.38 0.96
CA VAL B 162 9.53 -25.14 0.45
C VAL B 162 8.56 -25.47 -0.67
N LEU B 163 8.99 -26.42 -1.51
CA LEU B 163 8.20 -26.82 -2.66
C LEU B 163 6.89 -27.44 -2.19
N TYR B 164 6.94 -28.34 -1.21
CA TYR B 164 5.74 -28.95 -0.67
C TYR B 164 4.80 -27.85 -0.14
N ALA B 165 5.37 -26.90 0.60
CA ALA B 165 4.55 -25.84 1.18
C ALA B 165 3.84 -25.02 0.11
N PHE B 166 4.55 -24.66 -0.96
CA PHE B 166 3.93 -23.94 -2.06
C PHE B 166 2.77 -24.73 -2.66
N GLN B 167 3.03 -26.02 -2.98
CA GLN B 167 2.03 -26.86 -3.61
C GLN B 167 0.82 -27.06 -2.71
N ALA B 168 1.06 -27.42 -1.44
CA ALA B 168 0.00 -27.68 -0.47
C ALA B 168 -0.84 -26.43 -0.21
N ALA B 169 -0.22 -25.24 -0.28
CA ALA B 169 -0.93 -24.00 0.02
C ALA B 169 -1.75 -23.51 -1.17
N GLY B 170 -1.50 -24.04 -2.37
CA GLY B 170 -2.36 -23.77 -3.52
C GLY B 170 -1.70 -23.00 -4.67
N ALA B 171 -0.34 -22.98 -4.77
CA ALA B 171 0.30 -22.26 -5.84
C ALA B 171 -0.11 -22.88 -7.18
N ASP B 172 -0.36 -22.01 -8.17
CA ASP B 172 -0.73 -22.42 -9.50
C ASP B 172 0.49 -22.66 -10.38
N VAL B 173 1.53 -21.83 -10.17
CA VAL B 173 2.77 -21.92 -10.94
C VAL B 173 3.89 -21.77 -9.93
N ILE B 174 4.95 -22.59 -10.08
CA ILE B 174 6.10 -22.55 -9.20
C ILE B 174 7.36 -22.40 -10.07
N MET B 175 8.20 -21.43 -9.72
CA MET B 175 9.45 -21.20 -10.44
C MET B 175 10.64 -21.29 -9.49
N ALA B 176 11.71 -21.92 -10.00
CA ALA B 176 12.99 -21.97 -9.33
C ALA B 176 13.78 -20.72 -9.72
N LEU B 177 13.65 -19.69 -8.89
CA LEU B 177 14.11 -18.36 -9.24
C LEU B 177 14.26 -17.59 -7.95
N GLY B 178 15.44 -16.96 -7.76
CA GLY B 178 15.72 -16.26 -6.52
C GLY B 178 15.86 -14.75 -6.69
N GLY B 179 15.74 -14.02 -5.57
CA GLY B 179 16.28 -12.68 -5.42
C GLY B 179 15.59 -11.65 -6.29
N VAL B 180 16.36 -10.64 -6.68
CA VAL B 180 15.84 -9.54 -7.49
C VAL B 180 15.24 -10.09 -8.78
N GLN B 181 15.89 -11.08 -9.40
CA GLN B 181 15.43 -11.55 -10.69
C GLN B 181 14.07 -12.24 -10.56
N ALA B 182 13.81 -12.89 -9.40
CA ALA B 182 12.52 -13.49 -9.14
C ALA B 182 11.43 -12.40 -9.01
N ILE B 183 11.71 -11.37 -8.21
CA ILE B 183 10.73 -10.30 -7.99
C ILE B 183 10.41 -9.62 -9.33
N ALA B 184 11.44 -9.28 -10.12
CA ALA B 184 11.22 -8.66 -11.42
C ALA B 184 10.44 -9.58 -12.35
N SER B 185 10.78 -10.88 -12.34
CA SER B 185 10.12 -11.82 -13.24
C SER B 185 8.62 -11.87 -12.92
N MET B 186 8.29 -11.88 -11.63
CA MET B 186 6.88 -11.93 -11.26
C MET B 186 6.18 -10.62 -11.62
N ALA B 187 6.84 -9.47 -11.41
CA ALA B 187 6.23 -8.20 -11.75
C ALA B 187 5.90 -8.09 -13.24
N TYR B 188 6.80 -8.59 -14.10
CA TYR B 188 6.66 -8.38 -15.54
C TYR B 188 6.02 -9.58 -16.22
N GLY B 189 5.77 -10.65 -15.47
CA GLY B 189 5.14 -11.83 -16.02
C GLY B 189 6.08 -12.63 -16.92
N LEU B 190 7.40 -12.50 -16.70
CA LEU B 190 8.37 -13.28 -17.46
C LEU B 190 8.14 -14.77 -17.18
N PHE B 191 8.24 -15.58 -18.25
CA PHE B 191 8.21 -17.03 -18.18
C PHE B 191 6.77 -17.56 -18.13
N THR B 192 5.83 -16.81 -17.53
CA THR B 192 4.46 -17.30 -17.38
C THR B 192 3.52 -16.57 -18.34
N GLY B 193 3.89 -15.36 -18.75
CA GLY B 193 3.00 -14.47 -19.47
C GLY B 193 1.85 -13.93 -18.60
N LYS B 194 1.98 -14.02 -17.28
CA LYS B 194 0.95 -13.54 -16.36
C LYS B 194 1.57 -12.53 -15.39
N PRO B 195 1.70 -11.24 -15.76
CA PRO B 195 2.25 -10.22 -14.86
C PRO B 195 1.41 -10.16 -13.59
N ALA B 196 2.08 -10.01 -12.46
CA ALA B 196 1.37 -10.00 -11.19
C ALA B 196 0.69 -8.64 -10.99
N ASP B 197 -0.45 -8.66 -10.31
CA ASP B 197 -1.06 -7.43 -9.83
C ASP B 197 -0.42 -6.98 -8.51
N VAL B 198 -0.08 -7.95 -7.66
CA VAL B 198 0.55 -7.72 -6.37
C VAL B 198 1.69 -8.72 -6.25
N VAL B 199 2.86 -8.23 -5.80
CA VAL B 199 3.96 -9.11 -5.46
C VAL B 199 4.20 -9.00 -3.97
N VAL B 200 4.36 -10.15 -3.30
CA VAL B 200 4.45 -10.23 -1.86
C VAL B 200 5.63 -11.12 -1.47
N GLY B 201 6.01 -11.01 -0.18
CA GLY B 201 6.91 -11.96 0.42
C GLY B 201 8.18 -11.30 0.92
N PRO B 202 8.89 -11.98 1.83
CA PRO B 202 10.04 -11.41 2.51
C PRO B 202 11.32 -11.76 1.77
N GLY B 203 12.41 -11.13 2.18
CA GLY B 203 13.72 -11.50 1.67
C GLY B 203 14.81 -10.58 2.17
N ASN B 204 16.01 -10.75 1.61
CA ASN B 204 17.14 -9.94 2.03
C ASN B 204 16.94 -8.50 1.54
N LYS B 205 17.94 -7.65 1.82
CA LYS B 205 17.83 -6.23 1.48
C LYS B 205 17.63 -6.02 -0.02
N PHE B 206 18.16 -6.92 -0.87
CA PHE B 206 18.03 -6.78 -2.31
C PHE B 206 16.60 -7.08 -2.75
N VAL B 207 16.06 -8.21 -2.24
CA VAL B 207 14.67 -8.60 -2.50
C VAL B 207 13.73 -7.47 -2.08
N ALA B 208 13.91 -6.96 -0.85
CA ALA B 208 12.98 -5.98 -0.29
C ALA B 208 13.03 -4.69 -1.10
N GLU B 209 14.24 -4.27 -1.51
CA GLU B 209 14.42 -3.08 -2.33
CA GLU B 209 14.39 -3.07 -2.31
C GLU B 209 13.80 -3.29 -3.71
N ALA B 210 13.96 -4.50 -4.27
CA ALA B 210 13.43 -4.74 -5.60
C ALA B 210 11.91 -4.56 -5.57
N LYS B 211 11.25 -5.10 -4.55
CA LYS B 211 9.82 -4.92 -4.45
C LYS B 211 9.47 -3.44 -4.26
N ARG B 212 10.21 -2.74 -3.38
CA ARG B 212 9.96 -1.33 -3.12
C ARG B 212 10.04 -0.52 -4.41
N SER B 213 11.04 -0.86 -5.23
CA SER B 213 11.32 -0.16 -6.48
CA SER B 213 11.30 -0.14 -6.46
C SER B 213 10.24 -0.42 -7.53
N LEU B 214 9.67 -1.65 -7.53
CA LEU B 214 8.74 -2.07 -8.56
C LEU B 214 7.30 -1.68 -8.19
N TYR B 215 7.11 -1.18 -6.98
CA TYR B 215 5.85 -0.61 -6.59
C TYR B 215 5.44 0.42 -7.63
N GLY B 216 4.17 0.37 -8.04
CA GLY B 216 3.66 1.19 -9.12
C GLY B 216 3.31 0.32 -10.32
N GLN B 217 4.32 -0.34 -10.92
CA GLN B 217 4.11 -1.45 -11.85
C GLN B 217 3.20 -2.50 -11.20
N VAL B 218 3.45 -2.74 -9.91
CA VAL B 218 2.69 -3.73 -9.17
C VAL B 218 2.37 -3.13 -7.81
N GLY B 219 1.33 -3.70 -7.18
CA GLY B 219 1.15 -3.47 -5.76
C GLY B 219 2.07 -4.39 -4.99
N ILE B 220 2.22 -4.06 -3.71
CA ILE B 220 2.98 -4.91 -2.83
C ILE B 220 2.24 -5.04 -1.50
N ASP B 221 2.74 -5.97 -0.69
CA ASP B 221 2.30 -6.09 0.67
C ASP B 221 2.94 -4.99 1.51
N VAL B 222 4.24 -5.12 1.75
CA VAL B 222 4.96 -4.23 2.65
C VAL B 222 6.46 -4.44 2.40
N PHE B 223 7.27 -3.45 2.79
CA PHE B 223 8.72 -3.59 2.81
C PHE B 223 9.09 -4.61 3.89
N ALA B 224 9.54 -5.80 3.48
CA ALA B 224 9.75 -6.93 4.38
C ALA B 224 11.18 -7.44 4.20
N GLY B 225 12.09 -6.78 4.90
CA GLY B 225 13.52 -7.02 4.76
C GLY B 225 14.06 -7.79 5.96
N PRO B 226 15.38 -7.74 6.21
CA PRO B 226 15.98 -8.52 7.31
C PRO B 226 15.22 -8.44 8.63
N SER B 227 15.04 -9.61 9.25
CA SER B 227 14.18 -9.79 10.41
C SER B 227 14.66 -8.96 11.59
N GLU B 228 13.69 -8.49 12.36
CA GLU B 228 13.92 -7.64 13.52
C GLU B 228 13.15 -8.24 14.69
N VAL B 229 13.69 -8.10 15.91
CA VAL B 229 12.94 -8.46 17.08
C VAL B 229 13.14 -7.38 18.14
N ALA B 230 12.06 -7.03 18.82
CA ALA B 230 12.12 -6.19 20.00
C ALA B 230 11.35 -6.88 21.12
N VAL B 231 11.90 -6.77 22.33
CA VAL B 231 11.24 -7.23 23.55
C VAL B 231 11.10 -6.06 24.53
N ILE B 232 9.90 -5.87 25.03
CA ILE B 232 9.62 -5.01 26.17
C ILE B 232 9.54 -5.89 27.41
N ALA B 233 10.29 -5.54 28.45
CA ALA B 233 10.31 -6.38 29.64
C ALA B 233 10.32 -5.50 30.88
N ASP B 234 9.59 -5.96 31.90
CA ASP B 234 9.75 -5.34 33.21
C ASP B 234 10.42 -6.34 34.16
N GLU B 235 10.39 -6.04 35.46
CA GLU B 235 11.10 -6.87 36.43
C GLU B 235 10.48 -8.26 36.57
N THR B 236 9.29 -8.50 36.00
CA THR B 236 8.65 -9.81 36.10
C THR B 236 9.17 -10.76 35.04
N ALA B 237 9.88 -10.23 34.03
CA ALA B 237 10.36 -11.05 32.93
C ALA B 237 11.47 -11.99 33.36
N ASP B 238 11.61 -13.07 32.60
CA ASP B 238 12.62 -14.08 32.80
C ASP B 238 13.78 -13.79 31.84
N PRO B 239 14.97 -13.39 32.33
CA PRO B 239 16.09 -13.07 31.44
C PRO B 239 16.50 -14.20 30.51
N ALA B 240 16.35 -15.46 30.94
CA ALA B 240 16.79 -16.56 30.11
C ALA B 240 15.91 -16.66 28.86
N ILE B 241 14.62 -16.40 29.04
CA ILE B 241 13.68 -16.47 27.94
C ILE B 241 13.81 -15.23 27.06
N VAL B 242 13.94 -14.05 27.67
CA VAL B 242 14.17 -12.82 26.92
C VAL B 242 15.41 -13.00 26.04
N ALA B 243 16.52 -13.50 26.62
CA ALA B 243 17.74 -13.68 25.87
C ALA B 243 17.58 -14.67 24.72
N SER B 244 16.89 -15.79 24.99
CA SER B 244 16.63 -16.82 23.99
C SER B 244 15.89 -16.19 22.82
N ASP B 245 14.89 -15.37 23.15
CA ASP B 245 14.00 -14.80 22.13
C ASP B 245 14.76 -13.82 21.24
N LEU B 246 15.67 -13.03 21.82
CA LEU B 246 16.49 -12.13 21.01
C LEU B 246 17.41 -12.91 20.05
N VAL B 247 18.09 -13.94 20.57
CA VAL B 247 18.98 -14.74 19.79
C VAL B 247 18.22 -15.47 18.68
N GLY B 248 16.99 -15.89 18.96
CA GLY B 248 16.19 -16.63 17.99
C GLY B 248 16.10 -15.89 16.66
N GLN B 249 15.88 -14.57 16.68
CA GLN B 249 15.78 -13.83 15.43
C GLN B 249 17.13 -13.29 14.96
N ALA B 250 18.08 -13.13 15.89
CA ALA B 250 19.42 -12.71 15.49
C ALA B 250 20.09 -13.70 14.53
N GLU B 251 19.74 -14.99 14.59
CA GLU B 251 20.33 -15.97 13.68
C GLU B 251 19.92 -15.78 12.22
N HIS B 252 18.95 -14.90 11.94
CA HIS B 252 18.48 -14.71 10.58
C HIS B 252 19.60 -14.23 9.66
N GLY B 253 20.52 -13.42 10.18
CA GLY B 253 21.57 -12.85 9.34
C GLY B 253 22.32 -11.75 10.06
N HIS B 254 23.41 -11.30 9.44
CA HIS B 254 24.28 -10.30 10.04
C HIS B 254 23.58 -8.96 10.23
N GLU B 255 22.47 -8.71 9.51
CA GLU B 255 21.80 -7.42 9.56
C GLU B 255 20.54 -7.41 10.42
N SER B 256 20.27 -8.48 11.19
CA SER B 256 19.02 -8.57 11.94
C SER B 256 19.16 -7.90 13.31
N PRO B 257 18.48 -6.76 13.56
CA PRO B 257 18.49 -6.14 14.89
C PRO B 257 17.65 -6.84 15.93
N ALA B 258 18.21 -6.95 17.12
CA ALA B 258 17.54 -7.40 18.31
C ALA B 258 17.58 -6.28 19.35
N TRP B 259 16.41 -5.87 19.82
CA TRP B 259 16.25 -4.70 20.66
C TRP B 259 15.56 -5.07 21.97
N LEU B 260 16.12 -4.63 23.09
CA LEU B 260 15.51 -4.78 24.39
C LEU B 260 15.20 -3.41 24.97
N PHE B 261 13.93 -3.18 25.30
CA PHE B 261 13.44 -1.98 25.95
C PHE B 261 12.93 -2.41 27.32
N THR B 262 13.52 -1.90 28.41
CA THR B 262 13.15 -2.37 29.73
C THR B 262 13.21 -1.26 30.76
N THR B 263 12.43 -1.49 31.82
CA THR B 263 12.40 -0.64 33.02
C THR B 263 13.24 -1.27 34.12
N SER B 264 13.88 -2.43 33.88
CA SER B 264 14.66 -3.14 34.90
C SER B 264 16.12 -3.28 34.50
N ARG B 265 17.01 -2.56 35.22
CA ARG B 265 18.44 -2.62 34.93
C ARG B 265 18.95 -4.05 35.18
N ASP B 266 18.44 -4.70 36.24
CA ASP B 266 18.86 -6.04 36.57
CA ASP B 266 18.84 -6.05 36.57
C ASP B 266 18.56 -6.98 35.40
N LEU B 267 17.36 -6.82 34.81
CA LEU B 267 16.98 -7.65 33.67
C LEU B 267 17.91 -7.38 32.50
N ALA B 268 18.14 -6.11 32.20
CA ALA B 268 19.02 -5.69 31.13
C ALA B 268 20.39 -6.32 31.31
N ASP B 269 20.94 -6.21 32.54
CA ASP B 269 22.27 -6.71 32.81
C ASP B 269 22.34 -8.21 32.58
N ARG B 270 21.35 -8.97 33.08
CA ARG B 270 21.35 -10.42 32.96
C ARG B 270 21.25 -10.82 31.49
N VAL B 271 20.36 -10.15 30.74
CA VAL B 271 20.23 -10.45 29.33
C VAL B 271 21.52 -10.14 28.57
N MET B 272 22.19 -9.01 28.86
CA MET B 272 23.42 -8.70 28.13
C MET B 272 24.50 -9.74 28.39
N ALA B 273 24.52 -10.31 29.60
CA ALA B 273 25.48 -11.37 29.89
C ALA B 273 25.11 -12.65 29.15
N LEU B 274 23.82 -12.98 29.12
CA LEU B 274 23.34 -14.27 28.59
C LEU B 274 23.39 -14.37 27.07
N VAL B 275 23.06 -13.30 26.34
CA VAL B 275 22.95 -13.39 24.89
C VAL B 275 24.24 -13.93 24.27
N PRO B 276 25.43 -13.36 24.55
CA PRO B 276 26.66 -13.91 23.97
C PRO B 276 26.88 -15.41 24.26
N GLU B 277 26.51 -15.83 25.47
CA GLU B 277 26.66 -17.21 25.89
C GLU B 277 25.76 -18.13 25.06
N LEU B 278 24.50 -17.71 24.84
CA LEU B 278 23.62 -18.50 23.99
C LEU B 278 24.11 -18.53 22.55
N ILE B 279 24.60 -17.41 22.04
CA ILE B 279 25.11 -17.34 20.67
C ILE B 279 26.28 -18.31 20.52
N ALA B 280 27.16 -18.36 21.54
CA ALA B 280 28.36 -19.18 21.45
C ALA B 280 28.04 -20.68 21.37
N LYS B 281 26.85 -21.08 21.87
CA LYS B 281 26.39 -22.46 21.87
C LYS B 281 25.61 -22.82 20.59
N LEU B 282 25.43 -21.88 19.67
CA LEU B 282 24.76 -22.16 18.41
C LEU B 282 25.67 -22.92 17.46
N PRO B 283 25.09 -23.68 16.50
CA PRO B 283 25.83 -24.27 15.39
C PRO B 283 26.42 -23.22 14.47
N PRO B 284 27.35 -23.60 13.58
CA PRO B 284 28.13 -22.61 12.84
C PRO B 284 27.37 -21.51 12.09
N THR B 285 26.38 -21.89 11.27
CA THR B 285 25.74 -20.90 10.40
C THR B 285 25.02 -19.87 11.27
N ALA B 286 24.30 -20.36 12.29
CA ALA B 286 23.54 -19.50 13.18
C ALA B 286 24.47 -18.61 13.99
N ARG B 287 25.57 -19.19 14.47
CA ARG B 287 26.53 -18.46 15.28
C ARG B 287 27.15 -17.34 14.47
N ASP B 288 27.48 -17.61 13.21
CA ASP B 288 28.00 -16.63 12.27
C ASP B 288 27.04 -15.44 12.16
N ALA B 289 25.77 -15.73 11.86
CA ALA B 289 24.78 -14.69 11.71
C ALA B 289 24.63 -13.88 13.00
N ALA B 290 24.39 -14.56 14.12
CA ALA B 290 23.92 -13.89 15.32
C ALA B 290 25.08 -13.15 15.98
N THR B 291 26.31 -13.67 15.83
CA THR B 291 27.45 -13.00 16.45
C THR B 291 27.52 -11.59 15.89
N ALA B 292 27.49 -11.47 14.55
CA ALA B 292 27.60 -10.19 13.86
C ALA B 292 26.38 -9.32 14.09
N ALA B 293 25.19 -9.93 14.06
CA ALA B 293 23.95 -9.20 14.28
C ALA B 293 23.92 -8.57 15.67
N TRP B 294 24.21 -9.35 16.71
CA TRP B 294 24.14 -8.80 18.05
C TRP B 294 25.17 -7.69 18.25
N ARG B 295 26.38 -7.93 17.78
CA ARG B 295 27.45 -6.95 17.95
C ARG B 295 27.09 -5.63 17.27
N ASP B 296 26.75 -5.73 15.97
CA ASP B 296 26.59 -4.58 15.10
C ASP B 296 25.24 -3.89 15.24
N TYR B 297 24.14 -4.67 15.45
CA TYR B 297 22.80 -4.12 15.40
C TYR B 297 22.02 -4.24 16.72
N GLY B 298 22.51 -4.99 17.71
CA GLY B 298 21.78 -5.20 18.95
C GLY B 298 21.80 -3.97 19.85
N GLU B 299 20.68 -3.69 20.51
CA GLU B 299 20.62 -2.55 21.42
C GLU B 299 19.80 -2.91 22.65
N VAL B 300 20.15 -2.26 23.76
CA VAL B 300 19.47 -2.43 25.03
C VAL B 300 19.27 -1.04 25.60
N ILE B 301 18.00 -0.70 25.90
CA ILE B 301 17.63 0.63 26.34
C ILE B 301 16.89 0.51 27.66
N LEU B 302 17.45 1.17 28.69
CA LEU B 302 16.83 1.25 29.99
C LEU B 302 16.01 2.52 30.10
N CYS B 303 14.75 2.37 30.53
CA CYS B 303 13.79 3.44 30.61
C CYS B 303 13.26 3.57 32.05
N GLY B 304 12.89 4.79 32.45
CA GLY B 304 12.41 5.02 33.80
C GLY B 304 10.93 4.69 33.99
N THR B 305 10.12 4.84 32.93
CA THR B 305 8.67 4.66 33.03
C THR B 305 8.15 3.84 31.85
N ARG B 306 6.94 3.32 32.01
CA ARG B 306 6.27 2.60 30.92
C ARG B 306 6.04 3.52 29.74
N GLU B 307 5.69 4.78 30.03
CA GLU B 307 5.39 5.76 29.00
C GLU B 307 6.62 6.00 28.11
N GLU B 308 7.80 6.02 28.73
CA GLU B 308 9.05 6.18 28.01
C GLU B 308 9.31 4.96 27.12
N VAL B 309 8.98 3.77 27.64
CA VAL B 309 9.12 2.55 26.86
C VAL B 309 8.23 2.62 25.61
N VAL B 310 6.98 3.04 25.79
CA VAL B 310 6.07 3.17 24.66
C VAL B 310 6.64 4.14 23.62
N GLU B 311 7.18 5.27 24.08
CA GLU B 311 7.70 6.27 23.16
C GLU B 311 8.85 5.70 22.32
N ILE B 312 9.79 5.02 22.98
CA ILE B 312 10.93 4.43 22.31
C ILE B 312 10.44 3.31 21.39
N SER B 313 9.58 2.44 21.88
CA SER B 313 9.11 1.31 21.07
C SER B 313 8.42 1.80 19.79
N ASP B 314 7.56 2.81 19.92
CA ASP B 314 6.84 3.32 18.77
C ASP B 314 7.82 3.95 17.77
N ARG B 315 8.89 4.58 18.28
CA ARG B 315 9.87 5.18 17.40
C ARG B 315 10.62 4.10 16.61
N TYR B 316 10.97 3.00 17.29
CA TYR B 316 11.69 1.90 16.66
C TYR B 316 10.78 1.14 15.69
N ALA B 317 9.49 1.05 15.98
CA ALA B 317 8.51 0.44 15.07
C ALA B 317 9.00 -0.92 14.57
N SER B 318 9.29 -1.82 15.51
CA SER B 318 9.85 -3.12 15.21
C SER B 318 8.86 -4.04 14.48
N GLU B 319 9.41 -4.82 13.55
CA GLU B 319 8.68 -5.85 12.85
C GLU B 319 7.90 -6.71 13.84
N HIS B 320 8.60 -7.17 14.89
CA HIS B 320 8.05 -8.06 15.91
C HIS B 320 8.28 -7.41 17.26
N LEU B 321 7.26 -7.46 18.11
CA LEU B 321 7.34 -6.88 19.42
C LEU B 321 6.76 -7.86 20.45
N GLU B 322 7.63 -8.31 21.37
CA GLU B 322 7.18 -9.13 22.48
C GLU B 322 7.04 -8.25 23.72
N VAL B 323 6.07 -8.58 24.57
CA VAL B 323 5.81 -7.82 25.79
C VAL B 323 5.75 -8.79 26.96
N HIS B 324 6.84 -8.78 27.77
CA HIS B 324 6.94 -9.63 28.96
C HIS B 324 6.84 -8.71 30.19
N THR B 325 5.61 -8.37 30.54
CA THR B 325 5.33 -7.42 31.59
C THR B 325 4.08 -7.85 32.34
N ALA B 326 3.88 -7.22 33.49
CA ALA B 326 2.57 -7.18 34.11
C ALA B 326 1.65 -6.29 33.29
N ASP B 327 0.33 -6.41 33.54
CA ASP B 327 -0.67 -5.49 33.02
C ASP B 327 -0.60 -5.41 31.49
N LEU B 328 -0.76 -6.55 30.81
CA LEU B 328 -0.60 -6.62 29.37
C LEU B 328 -1.68 -5.82 28.63
N ASP B 329 -2.88 -5.68 29.24
CA ASP B 329 -3.95 -4.92 28.64
C ASP B 329 -3.47 -3.51 28.34
N TRP B 330 -2.65 -2.94 29.25
CA TRP B 330 -2.22 -1.56 29.11
C TRP B 330 -1.31 -1.43 27.89
N TRP B 331 -0.47 -2.44 27.70
CA TRP B 331 0.47 -2.41 26.58
C TRP B 331 -0.27 -2.55 25.25
N LEU B 332 -1.24 -3.46 25.17
CA LEU B 332 -2.04 -3.60 23.96
C LEU B 332 -2.77 -2.29 23.66
N ALA B 333 -3.21 -1.57 24.71
CA ALA B 333 -3.94 -0.33 24.51
C ALA B 333 -3.04 0.82 24.06
N ASN B 334 -1.75 0.82 24.45
CA ASN B 334 -0.93 2.02 24.35
C ASN B 334 0.14 1.93 23.25
N LEU B 335 0.60 0.75 22.89
CA LEU B 335 1.55 0.61 21.79
C LEU B 335 0.87 0.84 20.43
N THR B 336 1.53 1.52 19.50
CA THR B 336 0.84 1.81 18.24
C THR B 336 1.68 1.53 16.99
N CYS B 337 3.00 1.31 17.12
CA CYS B 337 3.84 1.08 15.94
C CYS B 337 4.66 -0.20 16.13
N TYR B 338 4.24 -1.27 15.44
CA TYR B 338 4.89 -2.57 15.46
C TYR B 338 4.23 -3.38 14.35
N GLY B 339 4.90 -4.42 13.86
CA GLY B 339 4.31 -5.24 12.82
C GLY B 339 3.33 -6.24 13.42
N SER B 340 3.83 -6.99 14.42
CA SER B 340 3.11 -8.08 15.04
C SER B 340 3.49 -8.11 16.51
N LEU B 341 2.46 -8.21 17.38
CA LEU B 341 2.61 -8.10 18.83
C LEU B 341 2.42 -9.45 19.48
N PHE B 342 3.31 -9.76 20.43
CA PHE B 342 3.31 -11.03 21.16
C PHE B 342 3.14 -10.67 22.62
N LEU B 343 1.93 -10.88 23.15
CA LEU B 343 1.59 -10.44 24.49
C LEU B 343 1.84 -11.57 25.47
N GLY B 344 2.73 -11.33 26.43
CA GLY B 344 3.01 -12.33 27.46
C GLY B 344 4.17 -13.20 27.04
N GLU B 345 4.69 -14.00 27.99
CA GLU B 345 5.86 -14.82 27.76
C GLU B 345 5.54 -16.06 26.93
N GLU B 346 4.28 -16.50 26.93
CA GLU B 346 3.98 -17.86 26.48
C GLU B 346 4.16 -17.95 24.97
N THR B 347 3.54 -17.05 24.22
CA THR B 347 3.81 -16.97 22.78
C THR B 347 5.17 -16.30 22.56
N THR B 348 5.67 -16.40 21.33
CA THR B 348 7.00 -15.91 21.02
C THR B 348 7.10 -15.77 19.51
N VAL B 349 8.07 -14.98 19.05
CA VAL B 349 8.21 -14.69 17.63
C VAL B 349 8.28 -15.96 16.79
N ALA B 350 9.08 -16.97 17.20
CA ALA B 350 9.26 -18.17 16.41
C ALA B 350 7.92 -18.88 16.20
N PHE B 351 7.01 -18.82 17.18
CA PHE B 351 5.69 -19.39 17.00
C PHE B 351 4.93 -18.66 15.90
N GLY B 352 4.99 -17.32 15.93
CA GLY B 352 4.37 -16.54 14.87
C GLY B 352 5.01 -16.81 13.51
N ASP B 353 6.34 -17.00 13.50
CA ASP B 353 7.05 -17.30 12.28
C ASP B 353 6.51 -18.56 11.62
N LYS B 354 6.21 -19.59 12.41
CA LYS B 354 5.93 -20.89 11.81
C LYS B 354 4.43 -21.26 11.79
N THR B 355 3.66 -20.98 12.86
CA THR B 355 2.36 -21.66 12.94
C THR B 355 1.30 -21.02 13.83
N SER B 356 1.52 -19.88 14.49
CA SER B 356 0.48 -19.27 15.31
C SER B 356 -0.80 -19.01 14.55
N GLY B 357 -0.62 -18.43 13.36
CA GLY B 357 -1.72 -18.11 12.46
C GLY B 357 -1.53 -16.74 11.80
N PRO B 358 -1.39 -15.64 12.56
CA PRO B 358 -1.14 -14.33 11.94
C PRO B 358 0.12 -14.36 11.07
N ASN B 359 0.07 -13.57 9.99
CA ASN B 359 1.14 -13.63 9.01
C ASN B 359 2.46 -13.18 9.63
N HIS B 360 3.55 -13.81 9.17
CA HIS B 360 4.89 -13.37 9.56
C HIS B 360 5.51 -12.38 8.58
N VAL B 361 4.95 -12.21 7.39
CA VAL B 361 5.55 -11.31 6.42
C VAL B 361 5.18 -9.89 6.83
N LEU B 362 6.18 -9.16 7.32
CA LEU B 362 5.94 -7.98 8.17
C LEU B 362 6.88 -6.83 7.82
N PRO B 363 6.44 -5.59 8.13
CA PRO B 363 7.25 -4.40 7.88
C PRO B 363 8.53 -4.39 8.67
N THR B 364 9.62 -3.99 8.00
CA THR B 364 10.90 -3.72 8.64
C THR B 364 11.30 -2.29 8.33
N LYS B 365 12.43 -1.86 8.92
CA LYS B 365 13.04 -0.57 8.58
C LYS B 365 12.00 0.53 8.80
N GLY B 366 11.22 0.42 9.88
CA GLY B 366 10.27 1.44 10.28
C GLY B 366 8.96 1.49 9.50
N ALA B 367 8.73 0.53 8.60
CA ALA B 367 7.49 0.58 7.82
C ALA B 367 6.24 0.33 8.67
N ALA B 368 6.42 -0.17 9.91
CA ALA B 368 5.30 -0.37 10.82
C ALA B 368 4.70 0.96 11.29
N ARG B 369 5.36 2.07 10.96
CA ARG B 369 4.76 3.38 11.15
C ARG B 369 3.54 3.57 10.25
N TYR B 370 3.45 2.84 9.13
CA TYR B 370 2.37 3.10 8.21
C TYR B 370 1.68 1.85 7.66
N SER B 371 2.15 0.63 7.97
CA SER B 371 1.50 -0.57 7.47
C SER B 371 1.67 -1.72 8.46
N GLY B 372 0.64 -2.58 8.54
CA GLY B 372 0.80 -3.93 9.04
C GLY B 372 1.40 -4.85 7.98
N GLY B 373 1.37 -6.15 8.28
CA GLY B 373 2.01 -7.12 7.41
C GLY B 373 1.16 -7.52 6.21
N LEU B 374 1.72 -8.47 5.46
CA LEU B 374 0.97 -9.24 4.50
C LEU B 374 -0.29 -9.77 5.18
N SER B 375 -1.42 -9.63 4.49
CA SER B 375 -2.69 -10.17 4.94
C SER B 375 -3.60 -10.23 3.74
N VAL B 376 -4.79 -10.78 3.94
CA VAL B 376 -5.81 -10.75 2.89
C VAL B 376 -6.08 -9.32 2.46
N HIS B 377 -5.93 -8.36 3.36
CA HIS B 377 -6.23 -6.96 3.07
C HIS B 377 -5.35 -6.42 1.96
N LYS B 378 -4.14 -6.98 1.80
CA LYS B 378 -3.22 -6.56 0.75
C LYS B 378 -3.62 -7.07 -0.63
N PHE B 379 -4.62 -7.97 -0.68
CA PHE B 379 -5.09 -8.56 -1.93
C PHE B 379 -6.48 -8.08 -2.31
N MET B 380 -7.11 -7.29 -1.43
CA MET B 380 -8.47 -6.83 -1.66
C MET B 380 -8.37 -5.38 -2.08
N LYS B 381 -9.10 -5.05 -3.13
CA LYS B 381 -9.22 -3.66 -3.53
C LYS B 381 -10.54 -3.14 -2.98
N THR B 382 -10.47 -1.99 -2.34
CA THR B 382 -11.68 -1.33 -1.86
CA THR B 382 -11.65 -1.30 -1.83
C THR B 382 -11.99 -0.18 -2.80
N LEU B 383 -12.99 -0.42 -3.65
CA LEU B 383 -13.35 0.47 -4.73
C LEU B 383 -14.64 1.15 -4.37
N THR B 384 -14.88 2.33 -4.93
CA THR B 384 -16.13 3.01 -4.67
C THR B 384 -17.01 3.06 -5.91
N TRP B 385 -18.32 3.12 -5.65
CA TRP B 385 -19.30 3.33 -6.69
C TRP B 385 -20.34 4.33 -6.22
N GLN B 386 -21.05 4.93 -7.15
CA GLN B 386 -22.14 5.82 -6.81
C GLN B 386 -23.16 5.84 -7.92
N GLN B 387 -24.35 6.33 -7.54
CA GLN B 387 -25.51 6.39 -8.41
C GLN B 387 -26.41 7.48 -7.87
N MET B 388 -27.02 8.25 -8.76
CA MET B 388 -27.86 9.35 -8.34
C MET B 388 -29.23 9.33 -9.02
N THR B 389 -30.22 9.87 -8.32
CA THR B 389 -31.47 10.26 -8.96
C THR B 389 -31.28 11.59 -9.69
N ARG B 390 -32.19 11.91 -10.63
CA ARG B 390 -32.10 13.22 -11.22
C ARG B 390 -32.23 14.32 -10.16
N GLU B 391 -33.13 14.11 -9.19
CA GLU B 391 -33.36 15.13 -8.16
C GLU B 391 -32.06 15.48 -7.43
N ALA B 392 -31.23 14.47 -7.13
CA ALA B 392 -29.99 14.68 -6.40
C ALA B 392 -29.04 15.61 -7.15
N THR B 393 -29.09 15.57 -8.50
CA THR B 393 -28.19 16.34 -9.33
C THR B 393 -28.46 17.86 -9.26
N ARG B 394 -29.63 18.29 -8.76
CA ARG B 394 -29.89 19.72 -8.66
C ARG B 394 -28.88 20.39 -7.73
N GLN B 395 -28.71 19.82 -6.53
CA GLN B 395 -27.73 20.33 -5.59
C GLN B 395 -26.31 19.96 -6.04
N ILE B 396 -26.12 18.67 -6.33
CA ILE B 396 -24.77 18.18 -6.62
C ILE B 396 -24.22 18.90 -7.85
N GLY B 397 -25.07 19.10 -8.87
CA GLY B 397 -24.61 19.69 -10.11
C GLY B 397 -24.30 21.17 -9.99
N GLN B 398 -25.13 21.93 -9.24
CA GLN B 398 -24.83 23.35 -9.10
C GLN B 398 -23.56 23.57 -8.27
N VAL B 399 -23.35 22.78 -7.21
CA VAL B 399 -22.13 22.91 -6.43
C VAL B 399 -20.92 22.53 -7.30
N THR B 400 -21.07 21.45 -8.09
CA THR B 400 -19.99 21.03 -8.95
C THR B 400 -19.63 22.12 -9.97
N ALA B 401 -20.64 22.71 -10.63
CA ALA B 401 -20.38 23.74 -11.62
C ALA B 401 -19.67 24.94 -10.98
N ARG B 402 -20.17 25.39 -9.83
CA ARG B 402 -19.57 26.53 -9.18
C ARG B 402 -18.12 26.23 -8.77
N ILE B 403 -17.87 25.11 -8.08
CA ILE B 403 -16.53 24.82 -7.61
C ILE B 403 -15.60 24.67 -8.82
N SER B 404 -16.05 23.92 -9.82
CA SER B 404 -15.25 23.72 -11.03
C SER B 404 -14.80 25.06 -11.60
N ARG B 405 -15.73 26.00 -11.70
CA ARG B 405 -15.39 27.30 -12.29
C ARG B 405 -14.47 28.09 -11.37
N LEU B 406 -14.63 27.96 -10.04
CA LEU B 406 -13.67 28.56 -9.12
C LEU B 406 -12.24 28.05 -9.36
N GLU B 407 -12.13 26.77 -9.76
CA GLU B 407 -10.84 26.14 -9.98
C GLU B 407 -10.26 26.50 -11.34
N GLY B 408 -11.10 26.98 -12.25
CA GLY B 408 -10.72 27.25 -13.61
C GLY B 408 -11.07 26.14 -14.59
N MET B 409 -11.91 25.17 -14.16
CA MET B 409 -12.22 23.96 -14.92
C MET B 409 -13.58 24.05 -15.63
N GLU B 410 -13.59 24.74 -16.78
CA GLU B 410 -14.82 25.01 -17.49
C GLU B 410 -15.46 23.75 -18.10
N ALA B 411 -14.66 22.82 -18.66
CA ALA B 411 -15.22 21.60 -19.25
C ALA B 411 -15.90 20.75 -18.16
N HIS B 412 -15.31 20.72 -16.94
CA HIS B 412 -15.96 20.05 -15.83
C HIS B 412 -17.35 20.64 -15.59
N ALA B 413 -17.44 21.97 -15.49
CA ALA B 413 -18.69 22.63 -15.20
C ALA B 413 -19.73 22.38 -16.30
N ARG B 414 -19.26 22.27 -17.54
CA ARG B 414 -20.19 22.04 -18.63
C ARG B 414 -20.88 20.69 -18.53
N THR B 415 -20.23 19.69 -17.94
CA THR B 415 -20.88 18.40 -17.74
C THR B 415 -22.05 18.53 -16.77
N ALA B 416 -21.99 19.50 -15.85
CA ALA B 416 -23.08 19.78 -14.93
C ALA B 416 -24.16 20.61 -15.61
N ASP B 417 -23.72 21.63 -16.36
CA ASP B 417 -24.63 22.48 -17.10
C ASP B 417 -25.51 21.59 -17.99
N ASP B 418 -24.86 20.62 -18.66
CA ASP B 418 -25.54 19.81 -19.66
C ASP B 418 -26.63 18.96 -19.01
N ARG B 419 -26.34 18.39 -17.83
CA ARG B 419 -27.34 17.62 -17.11
C ARG B 419 -28.46 18.52 -16.62
N MET B 420 -28.15 19.73 -16.15
CA MET B 420 -29.19 20.60 -15.63
C MET B 420 -30.16 20.96 -16.75
N ALA B 421 -29.60 21.26 -17.92
CA ALA B 421 -30.43 21.65 -19.06
C ALA B 421 -31.27 20.47 -19.54
N LYS B 422 -30.71 19.27 -19.50
CA LYS B 422 -31.42 18.08 -19.95
C LYS B 422 -32.54 17.68 -19.00
N TYR B 423 -32.23 17.60 -17.70
CA TYR B 423 -33.14 17.09 -16.70
C TYR B 423 -34.16 18.12 -16.23
N PHE B 424 -33.76 19.40 -16.19
CA PHE B 424 -34.57 20.44 -15.57
C PHE B 424 -34.49 21.68 -16.44
N PRO B 425 -35.01 21.63 -17.69
CA PRO B 425 -34.82 22.72 -18.65
C PRO B 425 -35.37 24.08 -18.23
N ASN B 426 -36.33 24.08 -17.28
CA ASN B 426 -36.87 25.34 -16.78
C ASN B 426 -36.18 25.82 -15.50
N ALA B 427 -35.31 25.01 -14.90
CA ALA B 427 -34.61 25.45 -13.71
C ALA B 427 -33.60 26.55 -14.06
N SER B 428 -33.40 27.46 -13.11
CA SER B 428 -32.41 28.51 -13.23
C SER B 428 -31.57 28.48 -11.96
N PHE B 429 -30.29 28.10 -12.10
CA PHE B 429 -29.39 28.09 -10.96
C PHE B 429 -28.17 28.94 -11.28
N GLU B 430 -27.47 29.35 -10.23
CA GLU B 430 -26.14 29.95 -10.31
C GLU B 430 -25.14 28.83 -10.51
N MET B 431 -24.65 28.72 -11.75
CA MET B 431 -23.72 27.66 -12.11
C MET B 431 -22.30 28.19 -12.18
N GLY B 432 -22.09 29.47 -11.83
CA GLY B 432 -20.77 30.06 -11.80
C GLY B 432 -20.50 30.84 -13.08
N THR B 433 -19.70 31.91 -12.93
CA THR B 433 -19.28 32.73 -14.06
C THR B 433 -18.40 31.88 -14.97
N PRO B 434 -18.74 31.70 -16.26
CA PRO B 434 -17.90 30.91 -17.17
C PRO B 434 -16.44 31.37 -17.17
N VAL B 435 -15.55 30.37 -17.25
CA VAL B 435 -14.11 30.61 -17.31
C VAL B 435 -13.78 31.11 -18.70
N GLU B 436 -12.93 32.14 -18.78
CA GLU B 436 -12.63 32.77 -20.05
C GLU B 436 -11.19 32.56 -20.49
N VAL B 437 -10.32 32.06 -19.61
CA VAL B 437 -8.91 31.90 -19.93
C VAL B 437 -8.55 30.39 -19.88
ZN ZN C . -11.54 16.13 -12.97
PA NAI D . 0.82 20.04 -9.84
O1A NAI D . 0.52 20.75 -8.57
O2A NAI D . 0.78 18.55 -9.93
O5B NAI D . 2.27 20.50 -10.41
C5B NAI D . 2.77 21.82 -10.16
C4B NAI D . 4.12 21.65 -9.51
O4B NAI D . 4.89 20.78 -10.37
C3B NAI D . 4.95 22.94 -9.33
O3B NAI D . 5.70 22.86 -8.12
C2B NAI D . 5.79 22.90 -10.61
O2B NAI D . 6.93 23.76 -10.54
C1B NAI D . 6.12 21.41 -10.68
N9A NAI D . 6.58 21.00 -11.99
C8A NAI D . 5.92 21.16 -13.19
N7A NAI D . 6.64 20.80 -14.23
C5A NAI D . 7.85 20.43 -13.68
C6A NAI D . 9.04 19.95 -14.26
N6A NAI D . 9.18 19.78 -15.57
N1A NAI D . 10.08 19.67 -13.42
C2A NAI D . 9.88 19.81 -12.10
N3A NAI D . 8.82 20.28 -11.44
C4A NAI D . 7.83 20.54 -12.30
O3 NAI D . -0.20 20.66 -10.90
PN NAI D . -0.44 20.38 -12.45
O1N NAI D . 0.87 20.38 -13.16
O2N NAI D . -1.48 21.33 -12.88
O5D NAI D . -0.94 18.89 -12.55
C5D NAI D . -2.08 18.44 -11.78
C4D NAI D . -2.37 17.05 -12.26
O4D NAI D . -3.11 16.33 -11.23
C3D NAI D . -3.18 16.91 -13.56
O3D NAI D . -2.52 16.06 -14.48
C2D NAI D . -4.49 16.34 -13.05
O2D NAI D . -5.19 15.57 -14.04
C1D NAI D . -3.99 15.48 -11.91
N1N NAI D . -5.04 15.01 -10.98
C2N NAI D . -5.11 13.67 -10.69
C3N NAI D . -5.99 13.19 -9.76
C7N NAI D . -6.06 11.74 -9.45
O7N NAI D . -6.86 11.35 -8.56
N7N NAI D . -5.28 10.85 -10.07
C4N NAI D . -6.80 14.16 -9.03
C5N NAI D . -6.72 15.51 -9.38
C6N NAI D . -5.94 15.92 -10.39
O11 3SL E . -9.63 12.73 -9.64
C1 3SL E . -9.16 13.28 -10.75
O12 3SL E . -8.43 12.68 -11.53
C2 3SL E . -9.78 14.66 -10.95
O2 3SL E . -10.82 14.49 -11.97
C3 3SL E . -10.23 15.41 -9.71
S 3SL E . -10.29 17.18 -9.96
O3S 3SL E . -11.07 17.33 -11.19
O1S 3SL E . -11.04 17.73 -8.83
O2S 3SL E . -8.95 17.67 -10.09
ZN ZN F . 12.29 -15.76 12.38
PA NAI G . 16.80 -14.55 -0.14
O1A NAI G . 15.97 -15.60 -0.79
O2A NAI G . 16.16 -13.27 0.29
O5B NAI G . 18.06 -14.15 -1.08
C5B NAI G . 18.65 -15.12 -1.95
C4B NAI G . 18.67 -14.52 -3.34
O4B NAI G . 19.34 -13.23 -3.23
C3B NAI G . 19.42 -15.34 -4.40
O3B NAI G . 18.81 -15.24 -5.68
C2B NAI G . 20.80 -14.67 -4.34
O2B NAI G . 21.60 -14.93 -5.48
C1B NAI G . 20.37 -13.21 -4.20
N9A NAI G . 21.44 -12.36 -3.74
C8A NAI G . 22.20 -12.52 -2.60
N7A NAI G . 23.16 -11.64 -2.48
C5A NAI G . 23.06 -10.87 -3.63
C6A NAI G . 23.83 -9.79 -4.10
N6A NAI G . 24.86 -9.27 -3.45
N1A NAI G . 23.46 -9.24 -5.29
C2A NAI G . 22.42 -9.76 -5.94
N3A NAI G . 21.65 -10.79 -5.61
C4A NAI G . 22.03 -11.30 -4.43
O3 NAI G . 17.46 -15.28 1.12
PN NAI G . 18.49 -14.80 2.23
O1N NAI G . 19.65 -14.09 1.60
O2N NAI G . 18.83 -15.97 3.09
O5D NAI G . 17.74 -13.69 3.08
C5D NAI G . 16.45 -13.98 3.63
C4D NAI G . 16.08 -12.78 4.47
O4D NAI G . 14.65 -12.75 4.64
C3D NAI G . 16.69 -12.73 5.87
O3D NAI G . 17.37 -11.49 6.12
C2D NAI G . 15.46 -12.89 6.77
O2D NAI G . 15.62 -12.30 8.04
C1D NAI G . 14.41 -12.19 5.91
N1N NAI G . 13.01 -12.46 6.33
C2N NAI G . 12.18 -11.41 6.58
C3N NAI G . 10.85 -11.58 6.87
C7N NAI G . 9.97 -10.43 7.11
O7N NAI G . 8.76 -10.65 7.32
N7N NAI G . 10.45 -9.18 7.05
C4N NAI G . 10.30 -12.95 6.84
C5N NAI G . 11.25 -14.01 6.63
C6N NAI G . 12.56 -13.77 6.48
O11 3SL H . 11.02 -11.83 9.94
C1 3SL H . 10.17 -12.88 9.93
O12 3SL H . 8.97 -12.78 9.82
C2 3SL H . 10.82 -14.21 10.20
O2 3SL H . 11.12 -14.29 11.59
C3 3SL H . 9.96 -15.39 9.69
S 3SL H . 10.89 -16.87 9.44
O3S 3SL H . 11.56 -17.04 10.72
O1S 3SL H . 9.88 -17.93 9.32
O2S 3SL H . 11.78 -16.72 8.30
#